data_1LBH
#
_entry.id   1LBH
#
_cell.length_a   141.200
_cell.length_b   75.100
_cell.length_c   149.200
_cell.angle_alpha   90.00
_cell.angle_beta   90.00
_cell.angle_gamma   90.00
#
_symmetry.space_group_name_H-M   'P 21 2 21'
#
loop_
_entity.id
_entity.type
_entity.pdbx_description
1 polymer 'INTACT LACTOSE OPERON REPRESSOR WITH GRATUITOUS INDUCER IPTG'
2 non-polymer '1-methylethyl 1-thio-beta-D-galactopyranoside'
#
_entity_poly.entity_id   1
_entity_poly.type   'polypeptide(L)'
_entity_poly.pdbx_seq_one_letter_code
;MKPVTLYDVAEYAGVSYQTVSRVVNQASHVSAKTREKVEAAMAELNYIPNRVAQQLAGKQSLLIGVATSSLALHAPSQIV
AAIKSRADQLGASVVVSMVERSGVEACKTAVHNLLAQRVSGLIINYPLDDQDAIAVEAACTNVPALFLDVSDQTPINSII
FSHEDGTRLGVEHLVALGHQQIALLAGPLSSVSARLRLAGWHKYLTRNQIQPIAEREGDWSAMSGFQQTMQMLNEGIVPT
AMLVANDQMALGAMRAITESGLRVGADISVVGYDDTEDSSCYIPPLTTIKQDFRLLGQTSVDRLLQLSQGQAVKGNQLLP
VSLVKRKTTLAPNTQTASPRALADSLMQLARQVSRLESGQ
;
_entity_poly.pdbx_strand_id   A,B,C,D
#
loop_
_chem_comp.id
_chem_comp.type
_chem_comp.name
_chem_comp.formula
IPT D-saccharide '1-methylethyl 1-thio-beta-D-galactopyranoside' 'C9 H18 O5 S'
#
# COMPACT_ATOMS: atom_id res chain seq x y z
N LEU A 62 -11.37 -11.93 33.50
CA LEU A 62 -12.00 -10.68 34.01
C LEU A 62 -12.98 -10.10 32.96
N LEU A 63 -13.92 -9.26 33.40
CA LEU A 63 -14.88 -8.61 32.50
C LEU A 63 -14.84 -7.10 32.72
N ILE A 64 -14.57 -6.35 31.64
CA ILE A 64 -14.48 -4.90 31.70
C ILE A 64 -15.76 -4.27 31.14
N GLY A 65 -16.27 -3.28 31.86
CA GLY A 65 -17.47 -2.59 31.46
C GLY A 65 -17.12 -1.15 31.19
N VAL A 66 -17.77 -0.58 30.17
CA VAL A 66 -17.53 0.80 29.77
C VAL A 66 -18.84 1.61 29.60
N ALA A 67 -18.95 2.75 30.27
CA ALA A 67 -20.10 3.66 30.11
C ALA A 67 -19.48 4.62 29.10
N THR A 68 -20.16 4.85 27.98
CA THR A 68 -19.56 5.67 26.95
C THR A 68 -20.45 6.72 26.33
N SER A 69 -19.80 7.78 25.86
CA SER A 69 -20.49 8.84 25.18
C SER A 69 -20.98 8.22 23.89
N SER A 70 -21.63 9.05 23.07
CA SER A 70 -22.16 8.58 21.80
C SER A 70 -21.02 8.03 20.93
N LEU A 71 -21.16 6.74 20.59
CA LEU A 71 -20.20 6.00 19.78
C LEU A 71 -20.03 6.57 18.37
N ALA A 72 -20.74 7.64 18.08
CA ALA A 72 -20.69 8.28 16.77
C ALA A 72 -19.80 9.53 16.73
N LEU A 73 -18.83 9.64 17.61
CA LEU A 73 -18.05 10.84 17.56
C LEU A 73 -16.59 10.71 17.22
N HIS A 74 -16.18 9.54 16.74
CA HIS A 74 -14.78 9.33 16.35
C HIS A 74 -13.85 9.17 17.56
N ALA A 75 -13.59 10.27 18.27
CA ALA A 75 -12.74 10.20 19.45
C ALA A 75 -13.26 9.10 20.40
N PRO A 76 -14.52 9.19 20.89
CA PRO A 76 -15.05 8.16 21.79
C PRO A 76 -15.05 6.75 21.19
N SER A 77 -15.35 6.65 19.90
CA SER A 77 -15.37 5.37 19.19
C SER A 77 -13.96 4.80 19.17
N GLN A 78 -13.00 5.66 18.89
CA GLN A 78 -11.60 5.29 18.82
C GLN A 78 -10.99 4.98 20.19
N ILE A 79 -11.56 5.58 21.25
CA ILE A 79 -11.10 5.29 22.59
C ILE A 79 -11.71 3.96 23.05
N VAL A 80 -12.91 3.65 22.55
CA VAL A 80 -13.58 2.39 22.89
C VAL A 80 -12.87 1.26 22.15
N ALA A 81 -12.57 1.47 20.87
CA ALA A 81 -11.90 0.45 20.07
C ALA A 81 -10.56 0.03 20.65
N ALA A 82 -9.80 0.99 21.17
CA ALA A 82 -8.50 0.70 21.76
C ALA A 82 -8.64 -0.13 23.02
N ILE A 83 -9.43 0.36 23.96
CA ILE A 83 -9.67 -0.36 25.21
C ILE A 83 -9.96 -1.82 24.87
N LYS A 84 -10.50 -2.05 23.69
CA LYS A 84 -10.81 -3.40 23.22
C LYS A 84 -9.50 -4.14 23.08
N SER A 85 -8.68 -3.68 22.16
CA SER A 85 -7.38 -4.30 21.93
C SER A 85 -6.66 -4.68 23.20
N ARG A 86 -6.57 -3.79 24.17
CA ARG A 86 -5.84 -4.15 25.37
C ARG A 86 -6.49 -5.27 26.14
N ALA A 87 -7.81 -5.30 26.22
CA ALA A 87 -8.46 -6.40 26.94
C ALA A 87 -8.14 -7.69 26.20
N ASP A 88 -8.09 -7.60 24.88
CA ASP A 88 -7.79 -8.75 24.03
C ASP A 88 -6.42 -9.39 24.37
N GLN A 89 -5.37 -8.58 24.46
CA GLN A 89 -4.01 -9.05 24.78
C GLN A 89 -3.93 -9.79 26.14
N LEU A 90 -4.82 -9.43 27.07
CA LEU A 90 -4.84 -10.03 28.42
C LEU A 90 -5.95 -11.08 28.70
N GLY A 91 -6.65 -11.54 27.67
CA GLY A 91 -7.72 -12.51 27.86
C GLY A 91 -8.76 -11.95 28.83
N ALA A 92 -9.52 -10.97 28.35
CA ALA A 92 -10.55 -10.31 29.14
C ALA A 92 -11.58 -9.82 28.16
N SER A 93 -12.83 -9.97 28.55
CA SER A 93 -13.93 -9.52 27.71
C SER A 93 -14.39 -8.09 28.08
N VAL A 94 -14.95 -7.41 27.08
CA VAL A 94 -15.41 -6.06 27.25
C VAL A 94 -16.81 -5.97 26.75
N VAL A 95 -17.60 -5.24 27.53
CA VAL A 95 -18.98 -5.01 27.26
C VAL A 95 -19.18 -3.50 27.37
N VAL A 96 -19.87 -2.91 26.39
CA VAL A 96 -20.09 -1.48 26.38
C VAL A 96 -21.54 -1.05 26.48
N SER A 97 -21.82 -0.22 27.47
CA SER A 97 -23.16 0.34 27.71
C SER A 97 -23.00 1.76 27.11
N MET A 98 -23.93 2.19 26.27
CA MET A 98 -23.88 3.50 25.62
C MET A 98 -24.77 4.46 26.37
N VAL A 99 -24.28 5.68 26.61
CA VAL A 99 -25.00 6.73 27.34
C VAL A 99 -25.36 7.96 26.51
N GLU A 100 -26.51 8.54 26.85
CA GLU A 100 -27.02 9.74 26.16
C GLU A 100 -26.49 10.95 26.86
N ARG A 101 -25.46 11.53 26.26
CA ARG A 101 -24.79 12.71 26.79
C ARG A 101 -25.82 13.79 27.10
N SER A 102 -26.42 13.63 28.29
CA SER A 102 -27.45 14.50 28.83
C SER A 102 -27.07 14.77 30.28
N GLY A 103 -27.12 13.75 31.12
CA GLY A 103 -26.79 13.99 32.51
C GLY A 103 -26.16 12.87 33.33
N VAL A 104 -25.87 13.20 34.59
CA VAL A 104 -25.26 12.28 35.55
C VAL A 104 -26.13 11.05 35.80
N GLU A 105 -27.45 11.22 35.64
CA GLU A 105 -28.33 10.09 35.85
C GLU A 105 -28.10 9.09 34.70
N ALA A 106 -28.07 9.64 33.48
CA ALA A 106 -27.84 8.84 32.29
C ALA A 106 -26.66 7.96 32.64
N CYS A 107 -25.66 8.60 33.24
CA CYS A 107 -24.46 7.89 33.62
C CYS A 107 -24.68 6.83 34.67
N LYS A 108 -25.39 7.17 35.72
CA LYS A 108 -25.60 6.18 36.76
C LYS A 108 -26.31 4.92 36.25
N THR A 109 -27.14 5.06 35.22
CA THR A 109 -27.86 3.92 34.64
C THR A 109 -26.94 2.91 33.99
N ALA A 110 -26.21 3.32 32.93
CA ALA A 110 -25.29 2.44 32.24
C ALA A 110 -24.45 1.72 33.27
N VAL A 111 -23.92 2.51 34.19
CA VAL A 111 -23.13 1.97 35.28
C VAL A 111 -24.01 0.89 35.93
N HIS A 112 -25.15 1.30 36.46
CA HIS A 112 -26.13 0.45 37.14
C HIS A 112 -26.53 -0.83 36.41
N ASN A 113 -26.46 -0.83 35.09
CA ASN A 113 -26.83 -2.03 34.35
C ASN A 113 -25.59 -2.85 34.13
N LEU A 114 -24.46 -2.16 34.00
CA LEU A 114 -23.18 -2.81 33.82
C LEU A 114 -22.80 -3.52 35.13
N LEU A 115 -23.31 -2.96 36.23
CA LEU A 115 -23.06 -3.51 37.55
C LEU A 115 -24.01 -4.67 37.83
N ALA A 116 -24.86 -4.98 36.86
CA ALA A 116 -25.79 -6.09 37.00
C ALA A 116 -25.22 -7.26 36.19
N GLN A 117 -24.28 -6.93 35.31
CA GLN A 117 -23.63 -7.91 34.48
C GLN A 117 -22.51 -8.60 35.27
N ARG A 118 -22.22 -8.07 36.45
CA ARG A 118 -21.18 -8.58 37.33
C ARG A 118 -19.86 -8.44 36.62
N VAL A 119 -19.76 -7.30 35.94
CA VAL A 119 -18.57 -6.92 35.22
C VAL A 119 -17.47 -6.73 36.29
N SER A 120 -16.23 -7.06 35.98
CA SER A 120 -15.20 -6.91 37.00
C SER A 120 -14.67 -5.50 37.16
N GLY A 121 -14.42 -4.82 36.06
CA GLY A 121 -13.94 -3.47 36.18
C GLY A 121 -14.88 -2.56 35.43
N LEU A 122 -14.91 -1.28 35.81
CA LEU A 122 -15.75 -0.30 35.15
C LEU A 122 -14.90 0.86 34.65
N ILE A 123 -15.14 1.29 33.42
CA ILE A 123 -14.44 2.45 32.84
C ILE A 123 -15.52 3.42 32.41
N ILE A 124 -15.51 4.62 32.97
CA ILE A 124 -16.52 5.63 32.67
C ILE A 124 -15.99 6.77 31.80
N ASN A 125 -16.10 6.59 30.50
CA ASN A 125 -15.65 7.61 29.58
C ASN A 125 -16.90 8.39 29.27
N TYR A 126 -17.14 9.36 30.12
CA TYR A 126 -18.29 10.21 29.95
C TYR A 126 -17.94 11.47 30.70
N PRO A 127 -18.36 12.62 30.14
CA PRO A 127 -18.13 13.96 30.69
C PRO A 127 -18.92 14.30 31.96
N LEU A 128 -18.41 13.87 33.11
CA LEU A 128 -19.05 14.14 34.38
C LEU A 128 -18.46 15.39 34.98
N ASP A 129 -19.26 16.10 35.78
CA ASP A 129 -18.83 17.33 36.49
C ASP A 129 -18.23 16.95 37.85
N ASP A 130 -17.40 17.85 38.41
CA ASP A 130 -16.72 17.68 39.72
C ASP A 130 -17.65 16.98 40.76
N GLN A 131 -18.89 17.46 40.87
CA GLN A 131 -19.84 16.87 41.82
C GLN A 131 -20.54 15.62 41.28
N ASP A 132 -20.77 15.57 39.96
CA ASP A 132 -21.43 14.41 39.33
C ASP A 132 -20.61 13.14 39.43
N ALA A 133 -19.30 13.30 39.19
CA ALA A 133 -18.35 12.20 39.23
C ALA A 133 -18.59 11.44 40.50
N ILE A 134 -18.58 12.19 41.58
CA ILE A 134 -18.78 11.66 42.91
C ILE A 134 -20.10 10.85 42.97
N ALA A 135 -21.21 11.44 42.49
CA ALA A 135 -22.48 10.72 42.49
C ALA A 135 -22.28 9.37 41.78
N VAL A 136 -21.54 9.41 40.67
CA VAL A 136 -21.34 8.21 39.91
C VAL A 136 -20.34 7.27 40.49
N GLU A 137 -19.32 7.77 41.18
CA GLU A 137 -18.36 6.83 41.73
C GLU A 137 -19.07 5.96 42.75
N ALA A 138 -19.91 6.59 43.55
CA ALA A 138 -20.68 5.92 44.59
C ALA A 138 -21.63 4.96 43.89
N ALA A 139 -22.14 5.39 42.74
CA ALA A 139 -23.03 4.55 41.94
C ALA A 139 -22.31 3.23 41.57
N CYS A 140 -21.05 3.30 41.08
CA CYS A 140 -20.32 2.07 40.78
C CYS A 140 -19.75 1.43 42.08
N THR A 141 -20.70 0.88 42.84
CA THR A 141 -20.48 0.22 44.12
C THR A 141 -19.49 -0.94 44.13
N ASN A 142 -18.71 -0.99 45.22
CA ASN A 142 -17.65 -2.00 45.48
C ASN A 142 -16.87 -2.63 44.31
N VAL A 143 -16.79 -1.88 43.20
CA VAL A 143 -16.03 -2.28 42.00
C VAL A 143 -15.21 -1.07 41.63
N PRO A 144 -13.95 -1.30 41.20
CA PRO A 144 -13.10 -0.20 40.80
C PRO A 144 -13.57 0.38 39.47
N ALA A 145 -13.53 1.69 39.39
CA ALA A 145 -13.95 2.39 38.21
C ALA A 145 -12.84 3.34 37.89
N LEU A 146 -12.72 3.65 36.61
CA LEU A 146 -11.73 4.58 36.11
C LEU A 146 -12.51 5.61 35.34
N PHE A 147 -12.36 6.87 35.69
CA PHE A 147 -13.04 7.97 35.03
C PHE A 147 -12.10 8.56 33.99
N LEU A 148 -12.56 8.70 32.75
CA LEU A 148 -11.73 9.23 31.66
C LEU A 148 -12.04 10.65 31.23
N ASP A 149 -13.25 11.13 31.47
CA ASP A 149 -13.58 12.49 31.08
C ASP A 149 -14.08 13.20 32.31
N VAL A 150 -13.14 13.66 33.12
CA VAL A 150 -13.43 14.35 34.36
C VAL A 150 -12.27 15.29 34.52
N SER A 151 -12.00 15.72 35.75
CA SER A 151 -10.87 16.62 36.00
C SER A 151 -9.86 16.11 36.99
N ASP A 152 -8.60 16.35 36.67
CA ASP A 152 -7.52 15.97 37.56
C ASP A 152 -7.83 16.57 38.96
N GLN A 153 -8.67 17.61 38.96
CA GLN A 153 -9.12 18.36 40.13
C GLN A 153 -10.18 17.52 40.86
N THR A 154 -10.26 16.23 40.61
CA THR A 154 -11.27 15.42 41.28
C THR A 154 -10.69 14.16 41.86
N PRO A 155 -10.97 13.90 43.15
CA PRO A 155 -10.59 12.78 44.03
C PRO A 155 -11.03 11.36 43.61
N ILE A 156 -11.21 11.16 42.32
CA ILE A 156 -11.66 9.89 41.80
C ILE A 156 -10.50 9.32 41.06
N ASN A 157 -10.50 8.02 40.82
CA ASN A 157 -9.41 7.39 40.10
C ASN A 157 -9.67 7.78 38.67
N SER A 158 -8.76 8.57 38.11
CA SER A 158 -8.90 9.07 36.76
C SER A 158 -7.60 8.99 36.00
N ILE A 159 -7.72 8.94 34.67
CA ILE A 159 -6.61 8.91 33.74
C ILE A 159 -7.10 9.90 32.67
N ILE A 160 -6.38 10.99 32.43
CA ILE A 160 -6.83 11.94 31.39
C ILE A 160 -5.65 12.50 30.62
N PHE A 161 -5.91 13.24 29.53
CA PHE A 161 -4.85 13.85 28.73
C PHE A 161 -4.65 15.24 29.22
N SER A 162 -3.41 15.70 29.15
CA SER A 162 -3.11 17.02 29.60
C SER A 162 -3.72 18.09 28.74
N HIS A 163 -4.63 18.78 29.36
CA HIS A 163 -5.33 19.87 28.79
C HIS A 163 -4.39 21.07 28.91
N GLU A 164 -3.54 21.09 29.92
CA GLU A 164 -2.66 22.23 30.11
C GLU A 164 -1.67 22.35 28.99
N ASP A 165 -1.18 21.22 28.51
CA ASP A 165 -0.22 21.21 27.40
C ASP A 165 -0.96 21.40 26.09
N GLY A 166 -1.99 20.58 25.86
CA GLY A 166 -2.78 20.67 24.65
C GLY A 166 -3.14 22.08 24.25
N THR A 167 -3.56 22.87 25.22
CA THR A 167 -3.92 24.24 24.94
C THR A 167 -2.67 25.10 24.85
N ARG A 168 -1.69 24.77 25.66
CA ARG A 168 -0.42 25.49 25.69
C ARG A 168 0.24 25.50 24.34
N LEU A 169 0.40 24.31 23.80
CA LEU A 169 1.00 24.15 22.50
C LEU A 169 0.19 24.84 21.43
N GLY A 170 -1.10 24.53 21.34
CA GLY A 170 -1.94 25.15 20.33
C GLY A 170 -1.71 26.64 20.21
N VAL A 171 -1.67 27.34 21.33
CA VAL A 171 -1.45 28.78 21.30
C VAL A 171 -0.02 29.01 20.87
N GLU A 172 0.90 28.43 21.64
CA GLU A 172 2.32 28.53 21.39
C GLU A 172 2.64 28.41 19.91
N HIS A 173 2.09 27.41 19.26
CA HIS A 173 2.31 27.22 17.85
C HIS A 173 1.73 28.38 17.07
N LEU A 174 0.48 28.75 17.37
CA LEU A 174 -0.17 29.86 16.69
C LEU A 174 0.59 31.19 16.81
N VAL A 175 0.99 31.55 18.03
CA VAL A 175 1.69 32.82 18.20
C VAL A 175 3.08 32.79 17.56
N ALA A 176 3.69 31.61 17.51
CA ALA A 176 5.00 31.39 16.93
C ALA A 176 5.14 31.78 15.47
N LEU A 177 4.02 31.78 14.73
CA LEU A 177 4.00 32.13 13.30
C LEU A 177 3.58 33.58 13.01
N GLY A 178 3.49 34.40 14.06
CA GLY A 178 3.13 35.79 13.89
C GLY A 178 1.65 36.10 13.88
N HIS A 179 0.80 35.14 14.22
CA HIS A 179 -0.64 35.40 14.26
C HIS A 179 -0.92 36.11 15.57
N GLN A 180 -1.78 37.13 15.50
CA GLN A 180 -2.19 37.92 16.65
C GLN A 180 -3.73 37.83 16.78
N GLN A 181 -4.47 38.05 15.70
CA GLN A 181 -5.93 37.92 15.81
C GLN A 181 -6.31 36.47 15.73
N ILE A 182 -6.60 35.87 16.88
CA ILE A 182 -6.99 34.47 16.91
C ILE A 182 -8.43 34.27 17.36
N ALA A 183 -9.15 33.36 16.71
CA ALA A 183 -10.54 33.05 17.04
C ALA A 183 -10.63 31.68 17.72
N LEU A 184 -11.55 31.52 18.66
CA LEU A 184 -11.67 30.26 19.36
C LEU A 184 -13.01 29.62 19.07
N LEU A 185 -13.01 28.32 18.82
CA LEU A 185 -14.25 27.63 18.53
C LEU A 185 -14.24 26.46 19.48
N ALA A 186 -15.00 26.61 20.56
CA ALA A 186 -15.07 25.61 21.62
C ALA A 186 -16.09 24.50 21.40
N GLY A 187 -16.02 23.46 22.22
CA GLY A 187 -16.96 22.36 22.12
C GLY A 187 -18.06 22.63 23.11
N PRO A 188 -19.12 21.82 23.18
CA PRO A 188 -20.24 21.99 24.11
C PRO A 188 -19.71 22.37 25.46
N LEU A 189 -20.07 23.54 25.99
CA LEU A 189 -19.53 23.94 27.28
C LEU A 189 -19.97 23.08 28.46
N SER A 190 -20.63 21.98 28.12
CA SER A 190 -21.07 21.00 29.10
C SER A 190 -19.83 20.15 29.45
N SER A 191 -19.16 19.62 28.41
CA SER A 191 -18.00 18.76 28.62
C SER A 191 -16.98 19.45 29.49
N VAL A 192 -16.58 18.78 30.56
CA VAL A 192 -15.58 19.28 31.49
C VAL A 192 -14.46 19.70 30.56
N SER A 193 -14.06 18.71 29.74
CA SER A 193 -13.00 18.83 28.75
C SER A 193 -13.11 20.08 27.90
N ALA A 194 -14.29 20.27 27.33
CA ALA A 194 -14.54 21.43 26.51
C ALA A 194 -14.09 22.65 27.29
N ARG A 195 -14.70 22.81 28.45
CA ARG A 195 -14.43 23.91 29.34
C ARG A 195 -12.97 24.00 29.72
N LEU A 196 -12.31 22.85 29.79
CA LEU A 196 -10.90 22.79 30.14
C LEU A 196 -10.07 23.36 29.01
N ARG A 197 -10.36 22.93 27.80
CA ARG A 197 -9.64 23.39 26.66
C ARG A 197 -9.85 24.86 26.50
N LEU A 198 -11.03 25.33 26.85
CA LEU A 198 -11.33 26.76 26.74
C LEU A 198 -10.60 27.57 27.81
N ALA A 199 -10.24 26.92 28.91
CA ALA A 199 -9.52 27.62 29.97
C ALA A 199 -8.10 27.84 29.46
N GLY A 200 -7.48 26.76 29.00
CA GLY A 200 -6.14 26.83 28.48
C GLY A 200 -5.90 27.90 27.43
N TRP A 201 -6.65 27.87 26.33
CA TRP A 201 -6.46 28.86 25.26
C TRP A 201 -6.53 30.24 25.81
N HIS A 202 -7.39 30.44 26.78
CA HIS A 202 -7.56 31.73 27.42
C HIS A 202 -6.31 32.10 28.20
N LYS A 203 -5.75 31.11 28.91
CA LYS A 203 -4.55 31.28 29.74
C LYS A 203 -3.34 31.62 28.93
N TYR A 204 -3.06 30.85 27.91
CA TYR A 204 -1.90 31.11 27.08
C TYR A 204 -1.95 32.26 26.10
N LEU A 205 -3.11 32.56 25.54
CA LEU A 205 -3.20 33.70 24.62
C LEU A 205 -2.83 34.87 25.49
N THR A 206 -3.35 34.87 26.71
CA THR A 206 -3.13 35.93 27.70
C THR A 206 -1.66 36.14 28.07
N ARG A 207 -0.93 35.05 28.27
CA ARG A 207 0.50 35.11 28.62
C ARG A 207 1.31 35.63 27.43
N ASN A 208 0.63 35.72 26.29
CA ASN A 208 1.26 36.22 25.11
C ASN A 208 0.59 37.55 24.80
N GLN A 209 0.09 38.18 25.85
CA GLN A 209 -0.58 39.48 25.73
C GLN A 209 -1.66 39.50 24.67
N ILE A 210 -2.13 38.31 24.26
CA ILE A 210 -3.19 38.15 23.25
C ILE A 210 -4.52 37.83 23.87
N GLN A 211 -5.56 38.48 23.37
CA GLN A 211 -6.91 38.21 23.81
C GLN A 211 -7.70 37.86 22.53
N PRO A 212 -8.40 36.71 22.53
CA PRO A 212 -9.16 36.26 21.36
C PRO A 212 -10.20 37.23 20.80
N ILE A 213 -10.20 37.34 19.47
CA ILE A 213 -11.12 38.24 18.76
C ILE A 213 -12.49 37.61 18.53
N ALA A 214 -12.66 36.36 18.91
CA ALA A 214 -13.95 35.68 18.76
C ALA A 214 -13.93 34.35 19.44
N GLU A 215 -15.08 33.94 19.93
CA GLU A 215 -15.18 32.68 20.64
C GLU A 215 -16.61 32.14 20.55
N ARG A 216 -16.82 31.27 19.56
CA ARG A 216 -18.11 30.65 19.32
C ARG A 216 -18.07 29.35 20.06
N GLU A 217 -19.16 28.59 19.99
CA GLU A 217 -19.30 27.28 20.67
C GLU A 217 -19.92 26.22 19.75
N GLY A 218 -19.37 25.03 19.72
CA GLY A 218 -19.92 24.00 18.88
C GLY A 218 -20.50 22.87 19.70
N ASP A 219 -20.80 21.75 19.05
CA ASP A 219 -21.33 20.61 19.77
C ASP A 219 -20.54 19.38 19.45
N TRP A 220 -19.27 19.57 19.11
CA TRP A 220 -18.36 18.49 18.78
C TRP A 220 -18.46 17.95 17.37
N SER A 221 -19.37 18.46 16.56
CA SER A 221 -19.52 17.90 15.24
C SER A 221 -19.07 18.80 14.11
N ALA A 222 -18.90 18.18 12.94
CA ALA A 222 -18.43 18.87 11.76
C ALA A 222 -19.34 20.04 11.45
N MET A 223 -20.64 19.77 11.42
CA MET A 223 -21.63 20.76 11.10
C MET A 223 -21.73 21.98 12.05
N SER A 224 -21.24 21.83 13.27
CA SER A 224 -21.30 22.94 14.20
C SER A 224 -20.07 23.75 13.98
N GLY A 225 -19.01 23.10 13.56
CA GLY A 225 -17.79 23.80 13.31
C GLY A 225 -18.11 24.61 12.10
N PHE A 226 -18.95 24.06 11.25
CA PHE A 226 -19.32 24.74 10.02
C PHE A 226 -20.30 25.89 10.24
N GLN A 227 -21.42 25.60 10.89
CA GLN A 227 -22.38 26.64 11.14
C GLN A 227 -21.86 27.84 11.89
N GLN A 228 -20.96 27.61 12.83
CA GLN A 228 -20.35 28.63 13.66
C GLN A 228 -19.41 29.60 12.98
N THR A 229 -18.52 29.09 12.13
CA THR A 229 -17.58 29.96 11.44
C THR A 229 -18.32 30.71 10.35
N MET A 230 -19.22 30.01 9.67
CA MET A 230 -19.97 30.65 8.61
C MET A 230 -20.65 31.90 9.17
N GLN A 231 -21.12 31.81 10.41
CA GLN A 231 -21.77 32.93 11.09
C GLN A 231 -20.73 33.98 11.46
N MET A 232 -19.69 33.56 12.14
CA MET A 232 -18.63 34.47 12.50
C MET A 232 -18.18 35.23 11.27
N LEU A 233 -17.67 34.51 10.27
CA LEU A 233 -17.21 35.13 9.03
C LEU A 233 -18.23 36.12 8.49
N ASN A 234 -19.47 35.66 8.30
CA ASN A 234 -20.52 36.52 7.81
C ASN A 234 -20.73 37.76 8.65
N GLU A 235 -20.19 37.74 9.87
CA GLU A 235 -20.33 38.89 10.76
C GLU A 235 -19.16 39.84 10.71
N GLY A 236 -18.52 39.98 9.55
CA GLY A 236 -17.39 40.89 9.50
C GLY A 236 -16.16 40.35 10.22
N ILE A 237 -16.33 39.41 11.16
CA ILE A 237 -15.17 38.87 11.87
C ILE A 237 -14.37 37.87 11.05
N VAL A 238 -13.13 38.24 10.76
CA VAL A 238 -12.25 37.38 10.01
C VAL A 238 -10.92 37.29 10.75
N PRO A 239 -10.60 36.11 11.28
CA PRO A 239 -9.33 35.98 12.00
C PRO A 239 -8.23 35.74 10.96
N THR A 240 -7.05 35.33 11.44
CA THR A 240 -5.94 35.00 10.55
C THR A 240 -5.50 33.59 10.94
N ALA A 241 -6.04 33.11 12.05
CA ALA A 241 -5.77 31.78 12.58
C ALA A 241 -6.95 31.41 13.49
N MET A 242 -7.37 30.16 13.42
CA MET A 242 -8.49 29.68 14.24
C MET A 242 -8.12 28.45 15.04
N LEU A 243 -8.52 28.45 16.31
CA LEU A 243 -8.26 27.34 17.22
C LEU A 243 -9.55 26.59 17.49
N VAL A 244 -9.58 25.33 17.11
CA VAL A 244 -10.80 24.56 17.27
C VAL A 244 -10.68 23.50 18.36
N ALA A 245 -11.80 23.19 18.98
CA ALA A 245 -11.83 22.23 20.07
C ALA A 245 -11.59 20.79 19.69
N ASN A 246 -11.84 20.45 18.44
CA ASN A 246 -11.61 19.08 17.98
C ASN A 246 -11.50 19.01 16.46
N ASP A 247 -10.91 17.92 15.97
CA ASP A 247 -10.72 17.72 14.53
C ASP A 247 -12.00 17.77 13.71
N GLN A 248 -13.06 17.13 14.22
CA GLN A 248 -14.35 17.10 13.54
C GLN A 248 -14.88 18.47 13.24
N MET A 249 -15.08 19.30 14.28
CA MET A 249 -15.56 20.67 14.10
C MET A 249 -14.61 21.40 13.18
N ALA A 250 -13.33 21.01 13.20
CA ALA A 250 -12.30 21.58 12.33
C ALA A 250 -12.63 21.25 10.88
N LEU A 251 -13.19 20.08 10.63
CA LEU A 251 -13.54 19.76 9.26
C LEU A 251 -14.52 20.81 8.85
N GLY A 252 -15.55 21.01 9.65
CA GLY A 252 -16.58 21.97 9.33
C GLY A 252 -16.11 23.40 9.14
N ALA A 253 -15.22 23.84 10.01
CA ALA A 253 -14.72 25.18 9.93
C ALA A 253 -14.03 25.33 8.61
N MET A 254 -13.33 24.27 8.21
CA MET A 254 -12.58 24.27 6.97
C MET A 254 -13.48 24.57 5.81
N ARG A 255 -14.40 23.65 5.53
CA ARG A 255 -15.36 23.85 4.47
C ARG A 255 -15.91 25.29 4.45
N ALA A 256 -16.32 25.81 5.61
CA ALA A 256 -16.86 27.18 5.72
C ALA A 256 -15.88 28.23 5.27
N ILE A 257 -14.65 28.07 5.73
CA ILE A 257 -13.57 28.98 5.41
C ILE A 257 -13.37 28.95 3.92
N THR A 258 -13.52 27.78 3.30
CA THR A 258 -13.37 27.65 1.86
C THR A 258 -14.53 28.31 1.15
N GLU A 259 -15.75 27.99 1.54
CA GLU A 259 -16.92 28.56 0.90
C GLU A 259 -17.00 30.07 1.09
N SER A 260 -16.24 30.58 2.07
CA SER A 260 -16.18 32.03 2.28
C SER A 260 -15.20 32.64 1.24
N GLY A 261 -14.60 31.76 0.43
CA GLY A 261 -13.65 32.16 -0.59
C GLY A 261 -12.22 32.37 -0.08
N LEU A 262 -11.91 31.75 1.06
CA LEU A 262 -10.60 31.92 1.68
C LEU A 262 -9.77 30.67 1.80
N ARG A 263 -8.48 30.84 1.46
CA ARG A 263 -7.50 29.76 1.48
C ARG A 263 -7.21 29.31 2.90
N VAL A 264 -7.71 28.14 3.27
CA VAL A 264 -7.48 27.57 4.60
C VAL A 264 -6.03 27.11 4.76
N GLY A 265 -5.25 27.86 5.50
CA GLY A 265 -3.86 27.56 5.72
C GLY A 265 -3.14 28.85 5.42
N ALA A 266 -3.24 29.25 4.17
CA ALA A 266 -2.61 30.47 3.70
C ALA A 266 -3.22 31.70 4.30
N ASP A 267 -4.56 31.81 4.21
CA ASP A 267 -5.34 32.93 4.76
C ASP A 267 -5.78 32.73 6.23
N ILE A 268 -6.49 31.62 6.51
CA ILE A 268 -6.93 31.28 7.87
C ILE A 268 -6.34 29.94 8.24
N SER A 269 -5.40 29.91 9.18
CA SER A 269 -4.79 28.67 9.61
C SER A 269 -5.71 28.03 10.62
N VAL A 270 -5.79 26.70 10.62
CA VAL A 270 -6.66 25.98 11.54
C VAL A 270 -5.91 24.93 12.33
N VAL A 271 -6.27 24.79 13.60
CA VAL A 271 -5.67 23.81 14.49
C VAL A 271 -6.81 23.10 15.21
N GLY A 272 -7.04 21.84 14.89
CA GLY A 272 -8.07 21.08 15.55
C GLY A 272 -7.52 20.69 16.92
N TYR A 273 -7.83 19.49 17.39
CA TYR A 273 -7.35 19.05 18.69
C TYR A 273 -7.92 17.65 18.86
N ASP A 274 -7.07 16.63 18.71
CA ASP A 274 -7.44 15.20 18.86
C ASP A 274 -6.59 14.23 18.00
N ASP A 275 -6.57 14.50 16.70
CA ASP A 275 -5.94 13.71 15.65
C ASP A 275 -6.63 12.39 15.52
N THR A 276 -7.92 12.48 15.32
CA THR A 276 -8.71 11.30 15.12
C THR A 276 -8.24 10.78 13.76
N GLU A 277 -8.53 9.53 13.46
CA GLU A 277 -8.10 8.91 12.20
C GLU A 277 -8.10 9.70 10.91
N ASP A 278 -9.31 10.02 10.44
CA ASP A 278 -9.55 10.73 9.18
C ASP A 278 -8.75 12.03 8.91
N SER A 279 -8.21 12.64 9.96
CA SER A 279 -7.47 13.90 9.85
C SER A 279 -6.23 13.90 8.93
N SER A 280 -5.56 12.76 8.83
CA SER A 280 -4.40 12.67 7.96
C SER A 280 -4.87 12.82 6.53
N CYS A 281 -6.17 12.64 6.30
CA CYS A 281 -6.75 12.74 4.96
C CYS A 281 -7.69 13.88 4.71
N TYR A 282 -7.79 14.83 5.63
CA TYR A 282 -8.72 15.95 5.39
C TYR A 282 -8.20 16.72 4.24
N ILE A 283 -8.69 17.94 4.09
CA ILE A 283 -8.30 18.85 3.03
C ILE A 283 -6.86 19.15 3.42
N PRO A 284 -6.36 20.41 3.42
CA PRO A 284 -4.97 20.39 3.86
C PRO A 284 -4.94 19.66 5.22
N PRO A 285 -4.26 18.50 5.30
CA PRO A 285 -4.18 17.71 6.52
C PRO A 285 -4.09 18.59 7.76
N LEU A 286 -4.92 18.28 8.74
CA LEU A 286 -5.02 19.04 9.96
C LEU A 286 -3.84 19.08 10.88
N THR A 287 -3.34 20.27 11.17
CA THR A 287 -2.26 20.42 12.13
C THR A 287 -3.10 20.20 13.37
N THR A 288 -2.74 19.26 14.23
CA THR A 288 -3.64 19.02 15.32
C THR A 288 -3.01 18.38 16.53
N ILE A 289 -3.60 18.64 17.69
CA ILE A 289 -3.16 18.12 19.00
C ILE A 289 -3.45 16.63 19.13
N LYS A 290 -2.42 15.80 19.12
CA LYS A 290 -2.68 14.40 19.20
C LYS A 290 -2.93 13.98 20.60
N GLN A 291 -3.96 13.18 20.78
CA GLN A 291 -4.26 12.63 22.06
C GLN A 291 -4.08 11.16 21.69
N ASP A 292 -3.15 10.47 22.30
CA ASP A 292 -3.01 9.09 21.90
C ASP A 292 -4.04 8.11 22.48
N PHE A 293 -5.17 8.00 21.78
CA PHE A 293 -6.26 7.11 22.21
C PHE A 293 -5.80 5.70 22.44
N ARG A 294 -4.80 5.29 21.68
CA ARG A 294 -4.22 3.95 21.80
C ARG A 294 -3.62 3.87 23.19
N LEU A 295 -2.82 4.89 23.53
CA LEU A 295 -2.15 4.95 24.80
C LEU A 295 -3.19 4.91 25.89
N LEU A 296 -4.17 5.78 25.76
CA LEU A 296 -5.24 5.87 26.72
C LEU A 296 -5.87 4.49 26.90
N GLY A 297 -6.04 3.80 25.79
CA GLY A 297 -6.61 2.48 25.82
C GLY A 297 -5.89 1.53 26.76
N GLN A 298 -4.67 1.12 26.42
CA GLN A 298 -3.93 0.18 27.26
C GLN A 298 -3.79 0.55 28.75
N THR A 299 -3.52 1.81 29.05
CA THR A 299 -3.36 2.26 30.44
C THR A 299 -4.56 1.94 31.32
N SER A 300 -5.74 2.40 30.89
CA SER A 300 -7.00 2.19 31.60
C SER A 300 -7.21 0.71 31.87
N VAL A 301 -7.01 -0.09 30.84
CA VAL A 301 -7.18 -1.54 30.91
C VAL A 301 -6.25 -2.21 31.89
N ASP A 302 -4.99 -1.82 31.83
CA ASP A 302 -4.01 -2.35 32.72
C ASP A 302 -4.35 -1.90 34.11
N ARG A 303 -4.44 -0.58 34.27
CA ARG A 303 -4.72 0.00 35.57
C ARG A 303 -6.02 -0.49 36.16
N LEU A 304 -6.93 -0.98 35.33
CA LEU A 304 -8.17 -1.46 35.88
C LEU A 304 -7.95 -2.77 36.64
N LEU A 305 -6.99 -3.57 36.18
CA LEU A 305 -6.64 -4.85 36.84
C LEU A 305 -5.93 -4.46 38.13
N GLN A 306 -4.85 -3.71 37.97
CA GLN A 306 -4.05 -3.20 39.10
C GLN A 306 -5.01 -2.72 40.18
N LEU A 307 -6.06 -2.02 39.72
CA LEU A 307 -7.10 -1.45 40.56
C LEU A 307 -7.86 -2.49 41.38
N SER A 308 -8.36 -3.51 40.71
CA SER A 308 -9.11 -4.57 41.40
C SER A 308 -8.23 -5.17 42.49
N GLN A 309 -6.96 -5.43 42.15
CA GLN A 309 -5.96 -6.01 43.07
C GLN A 309 -5.45 -4.98 44.14
N GLY A 310 -6.29 -3.98 44.44
CA GLY A 310 -5.94 -2.95 45.41
C GLY A 310 -4.68 -2.14 45.14
N GLN A 311 -3.93 -2.54 44.12
CA GLN A 311 -2.73 -1.82 43.84
C GLN A 311 -3.03 -0.39 43.57
N ALA A 312 -2.82 0.32 44.66
CA ALA A 312 -3.05 1.73 44.79
C ALA A 312 -2.50 2.66 43.71
N VAL A 313 -2.97 2.47 42.48
CA VAL A 313 -2.59 3.37 41.40
C VAL A 313 -3.76 4.35 41.56
N LYS A 314 -3.83 4.97 42.73
CA LYS A 314 -4.93 5.85 43.09
C LYS A 314 -4.81 7.30 42.65
N GLY A 315 -5.95 7.99 42.62
CA GLY A 315 -5.97 9.39 42.25
C GLY A 315 -5.86 9.61 40.76
N ASN A 316 -5.38 10.80 40.40
CA ASN A 316 -5.26 11.19 39.00
C ASN A 316 -3.90 10.87 38.37
N GLN A 317 -3.85 10.84 37.04
CA GLN A 317 -2.62 10.61 36.29
C GLN A 317 -2.77 11.01 34.81
N LEU A 318 -2.08 12.11 34.47
CA LEU A 318 -2.07 12.76 33.14
C LEU A 318 -1.14 12.21 32.03
N LEU A 319 -1.76 11.83 30.90
CA LEU A 319 -1.13 11.33 29.67
C LEU A 319 -0.82 12.57 28.84
N PRO A 320 0.23 12.53 28.00
CA PRO A 320 0.64 13.66 27.16
C PRO A 320 0.11 13.76 25.74
N VAL A 321 0.11 14.97 25.25
CA VAL A 321 -0.34 15.24 23.92
C VAL A 321 0.92 15.68 23.18
N SER A 322 0.80 15.96 21.88
CA SER A 322 1.91 16.36 21.04
C SER A 322 1.32 17.07 19.86
N LEU A 323 1.99 18.10 19.35
CA LEU A 323 1.47 18.84 18.20
C LEU A 323 1.88 18.18 16.89
N VAL A 324 0.92 17.72 16.10
CA VAL A 324 1.28 17.10 14.84
C VAL A 324 1.15 18.15 13.78
N LYS A 325 2.27 18.46 13.16
CA LYS A 325 2.32 19.45 12.10
C LYS A 325 1.89 18.87 10.75
N ARG A 326 1.11 19.63 10.02
CA ARG A 326 0.65 19.19 8.73
C ARG A 326 0.43 20.40 7.84
N LYS A 327 -0.68 20.43 7.11
CA LYS A 327 -0.94 21.50 6.16
C LYS A 327 -1.91 22.63 6.43
N THR A 328 -2.59 22.68 7.56
CA THR A 328 -3.46 23.81 7.77
C THR A 328 -2.79 25.01 8.48
N THR A 329 -1.68 24.80 9.20
CA THR A 329 -0.99 25.93 9.84
C THR A 329 0.12 26.41 8.95
N LEU A 330 0.23 27.73 8.92
CA LEU A 330 1.22 28.42 8.14
C LEU A 330 1.07 29.88 8.58
N ALA A 331 2.13 30.65 8.42
CA ALA A 331 2.16 32.08 8.79
C ALA A 331 0.98 32.84 8.20
N PRO A 332 0.75 34.08 8.68
CA PRO A 332 -0.34 34.96 8.23
C PRO A 332 -0.03 35.48 6.86
N ASN A 333 -0.92 35.19 5.90
CA ASN A 333 -0.72 35.59 4.51
C ASN A 333 -0.51 37.10 4.24
N THR A 334 -0.32 37.83 5.35
CA THR A 334 -0.03 39.26 5.29
C THR A 334 1.51 39.37 5.14
N GLN A 335 2.16 38.29 4.66
CA GLN A 335 3.62 38.19 4.46
C GLN A 335 3.98 37.32 3.22
N THR A 336 4.77 37.93 2.30
CA THR A 336 5.25 37.43 0.96
C THR A 336 4.20 37.37 -0.20
N ALA A 337 3.31 36.36 -0.10
CA ALA A 337 2.23 35.99 -1.05
C ALA A 337 2.63 34.67 -1.76
N SER A 338 1.60 33.91 -2.15
CA SER A 338 1.78 32.61 -2.80
C SER A 338 2.71 31.65 -1.98
N PRO A 339 2.68 31.73 -0.63
CA PRO A 339 3.53 30.84 0.17
C PRO A 339 2.99 29.40 0.02
N ARG A 340 3.86 28.38 0.24
CA ARG A 340 3.55 26.93 0.04
C ARG A 340 2.72 26.64 -1.27
N ALA A 341 1.44 27.05 -1.23
CA ALA A 341 0.47 26.92 -2.32
C ALA A 341 1.08 26.95 -3.73
N LEU A 342 1.50 28.14 -4.16
CA LEU A 342 2.11 28.38 -5.49
C LEU A 342 2.64 27.12 -6.15
N ALA A 343 3.35 26.32 -5.38
CA ALA A 343 3.92 25.08 -5.85
C ALA A 343 2.82 24.26 -6.45
N ASP A 344 1.86 23.97 -5.61
CA ASP A 344 0.71 23.19 -6.01
C ASP A 344 -0.34 24.05 -6.74
N SER A 345 0.19 24.90 -7.62
CA SER A 345 -0.57 25.79 -8.53
C SER A 345 0.08 25.54 -9.93
N LEU A 346 1.39 25.27 -9.92
CA LEU A 346 2.11 24.92 -11.14
C LEU A 346 1.54 23.52 -11.46
N MET A 347 1.28 22.76 -10.40
CA MET A 347 0.69 21.43 -10.50
C MET A 347 -0.65 21.41 -11.27
N GLN A 348 -1.50 22.38 -10.97
CA GLN A 348 -2.80 22.48 -11.64
C GLN A 348 -2.53 22.75 -13.12
N LEU A 349 -1.77 23.81 -13.36
CA LEU A 349 -1.43 24.26 -14.71
C LEU A 349 -0.76 23.19 -15.56
N ALA A 350 0.10 22.39 -14.93
CA ALA A 350 0.80 21.33 -15.63
C ALA A 350 -0.26 20.39 -16.11
N ARG A 351 -1.16 20.04 -15.17
CA ARG A 351 -2.26 19.11 -15.41
C ARG A 351 -3.33 19.64 -16.40
N GLN A 352 -3.20 20.91 -16.80
CA GLN A 352 -4.11 21.50 -17.79
C GLN A 352 -3.42 21.42 -19.13
N VAL A 353 -2.14 21.75 -19.17
CA VAL A 353 -1.37 21.71 -20.40
C VAL A 353 -1.28 20.28 -20.94
N SER A 354 -1.14 19.31 -20.04
CA SER A 354 -1.06 17.93 -20.49
C SER A 354 -2.36 17.56 -21.15
N ARG A 355 -3.47 18.03 -20.59
CA ARG A 355 -4.81 17.73 -21.11
C ARG A 355 -4.96 18.20 -22.56
N LEU A 356 -4.05 19.09 -23.00
CA LEU A 356 -4.07 19.59 -24.37
C LEU A 356 -3.07 18.84 -25.29
N GLU A 357 -2.63 17.64 -24.87
CA GLU A 357 -1.67 16.83 -25.64
C GLU A 357 -1.47 15.36 -25.16
N LEU B 62 -35.39 -8.14 28.38
CA LEU B 62 -35.20 -7.21 27.21
C LEU B 62 -33.75 -6.78 27.27
N LEU B 63 -32.87 -7.51 26.61
CA LEU B 63 -31.47 -7.16 26.66
C LEU B 63 -30.80 -7.52 25.36
N ILE B 64 -31.00 -6.66 24.39
CA ILE B 64 -30.45 -6.83 23.06
C ILE B 64 -28.93 -6.95 23.00
N GLY B 65 -28.44 -8.01 22.40
CA GLY B 65 -27.01 -8.16 22.26
C GLY B 65 -26.61 -7.68 20.88
N VAL B 66 -25.57 -6.86 20.80
CA VAL B 66 -25.07 -6.34 19.53
C VAL B 66 -23.62 -6.78 19.34
N ALA B 67 -23.36 -7.67 18.38
CA ALA B 67 -22.00 -8.09 18.10
C ALA B 67 -21.71 -7.26 16.86
N THR B 68 -20.94 -6.17 17.02
CA THR B 68 -20.62 -5.23 15.93
C THR B 68 -19.16 -5.20 15.38
N SER B 69 -18.97 -4.47 14.28
CA SER B 69 -17.67 -4.33 13.63
C SER B 69 -16.69 -3.53 14.46
N SER B 70 -15.74 -2.90 13.78
CA SER B 70 -14.75 -2.07 14.44
C SER B 70 -15.53 -0.79 14.56
N LEU B 71 -15.58 -0.23 15.75
CA LEU B 71 -16.31 1.01 15.94
C LEU B 71 -15.42 2.16 15.51
N ALA B 72 -14.28 1.83 14.91
CA ALA B 72 -13.38 2.82 14.40
C ALA B 72 -14.16 3.37 13.21
N LEU B 73 -14.64 2.44 12.38
CA LEU B 73 -15.44 2.76 11.20
C LEU B 73 -16.71 3.42 11.67
N HIS B 74 -17.09 4.49 10.98
CA HIS B 74 -18.28 5.25 11.32
C HIS B 74 -19.55 4.46 11.19
N ALA B 75 -19.76 3.76 10.10
CA ALA B 75 -21.00 3.02 9.98
C ALA B 75 -21.32 2.07 11.15
N PRO B 76 -20.49 1.07 11.44
CA PRO B 76 -20.82 0.19 12.56
C PRO B 76 -21.12 0.96 13.83
N SER B 77 -20.61 2.19 13.90
CA SER B 77 -20.78 3.11 15.04
C SER B 77 -22.12 3.86 14.99
N GLN B 78 -22.41 4.44 13.82
CA GLN B 78 -23.66 5.18 13.60
C GLN B 78 -24.82 4.19 13.74
N ILE B 79 -24.54 2.93 13.46
CA ILE B 79 -25.54 1.91 13.59
C ILE B 79 -25.76 1.66 15.06
N VAL B 80 -24.72 1.38 15.84
CA VAL B 80 -24.94 1.13 17.27
C VAL B 80 -25.67 2.29 17.96
N ALA B 81 -25.27 3.51 17.62
CA ALA B 81 -25.91 4.67 18.18
C ALA B 81 -27.38 4.56 17.85
N ALA B 82 -27.65 4.21 16.60
CA ALA B 82 -29.00 4.04 16.07
C ALA B 82 -29.75 2.94 16.79
N ILE B 83 -29.04 1.88 17.17
CA ILE B 83 -29.67 0.76 17.89
C ILE B 83 -30.05 1.22 19.29
N LYS B 84 -29.01 1.53 20.08
CA LYS B 84 -29.15 1.99 21.45
C LYS B 84 -30.26 2.99 21.47
N SER B 85 -30.37 3.79 20.40
CA SER B 85 -31.43 4.81 20.33
C SER B 85 -32.88 4.32 20.25
N ARG B 86 -33.14 3.24 19.52
CA ARG B 86 -34.51 2.75 19.40
C ARG B 86 -34.90 1.89 20.57
N ALA B 87 -33.92 1.16 21.10
CA ALA B 87 -34.16 0.31 22.26
C ALA B 87 -34.49 1.26 23.39
N ASP B 88 -34.09 2.52 23.22
CA ASP B 88 -34.36 3.58 24.19
C ASP B 88 -35.87 3.76 24.38
N GLN B 89 -36.58 4.18 23.33
CA GLN B 89 -38.01 4.44 23.41
C GLN B 89 -38.87 3.22 23.65
N LEU B 90 -38.45 2.08 23.12
CA LEU B 90 -39.19 0.85 23.33
C LEU B 90 -39.03 0.48 24.79
N GLY B 91 -37.94 0.93 25.39
CA GLY B 91 -37.72 0.63 26.78
C GLY B 91 -36.90 -0.62 27.00
N ALA B 92 -36.02 -0.93 26.04
CA ALA B 92 -35.15 -2.10 26.15
C ALA B 92 -33.70 -1.68 26.29
N SER B 93 -32.87 -2.59 26.80
CA SER B 93 -31.46 -2.28 26.96
C SER B 93 -30.58 -2.98 25.94
N VAL B 94 -29.71 -2.18 25.36
CA VAL B 94 -28.79 -2.62 24.37
C VAL B 94 -27.39 -2.70 24.98
N VAL B 95 -26.71 -3.82 24.70
CA VAL B 95 -25.37 -4.09 25.19
C VAL B 95 -24.42 -4.56 24.05
N VAL B 96 -23.41 -3.75 23.75
CA VAL B 96 -22.42 -4.00 22.69
C VAL B 96 -21.28 -4.91 23.07
N SER B 97 -20.80 -5.63 22.08
CA SER B 97 -19.68 -6.53 22.25
C SER B 97 -18.96 -6.43 20.93
N MET B 98 -17.88 -5.65 20.91
CA MET B 98 -17.12 -5.46 19.70
C MET B 98 -16.51 -6.78 19.27
N VAL B 99 -16.30 -6.99 17.98
CA VAL B 99 -15.68 -8.23 17.50
C VAL B 99 -14.51 -8.03 16.53
N GLU B 100 -13.43 -8.74 16.87
CA GLU B 100 -12.12 -8.77 16.19
C GLU B 100 -12.15 -8.72 14.67
N ARG B 101 -10.99 -8.41 14.08
CA ARG B 101 -10.84 -8.31 12.61
C ARG B 101 -10.99 -9.68 11.89
N SER B 102 -10.39 -10.74 12.48
CA SER B 102 -10.39 -12.11 11.95
C SER B 102 -11.64 -12.61 11.18
N GLY B 103 -12.64 -13.16 11.89
CA GLY B 103 -13.84 -13.68 11.24
C GLY B 103 -14.46 -15.01 11.68
N VAL B 104 -15.75 -15.19 11.39
CA VAL B 104 -16.52 -16.39 11.73
C VAL B 104 -16.41 -16.85 13.20
N GLU B 105 -15.23 -17.34 13.59
CA GLU B 105 -14.99 -17.80 14.96
C GLU B 105 -14.85 -16.60 15.90
N ALA B 106 -14.32 -15.49 15.39
CA ALA B 106 -14.20 -14.27 16.20
C ALA B 106 -15.63 -13.92 16.62
N CYS B 107 -16.49 -13.79 15.62
CA CYS B 107 -17.90 -13.45 15.82
C CYS B 107 -18.59 -14.44 16.76
N LYS B 108 -18.29 -15.72 16.61
CA LYS B 108 -18.86 -16.77 17.45
C LYS B 108 -18.69 -16.49 18.94
N THR B 109 -17.45 -16.26 19.39
CA THR B 109 -17.19 -15.96 20.81
C THR B 109 -17.91 -14.67 21.21
N ALA B 110 -17.86 -13.67 20.34
CA ALA B 110 -18.53 -12.40 20.59
C ALA B 110 -19.95 -12.80 20.96
N VAL B 111 -20.54 -13.64 20.12
CA VAL B 111 -21.90 -14.18 20.29
C VAL B 111 -22.10 -14.84 21.66
N HIS B 112 -21.15 -15.69 22.02
CA HIS B 112 -21.19 -16.43 23.28
C HIS B 112 -21.20 -15.54 24.51
N ASN B 113 -20.39 -14.49 24.48
CA ASN B 113 -20.35 -13.52 25.58
C ASN B 113 -21.79 -13.07 25.88
N LEU B 114 -22.37 -12.36 24.90
CA LEU B 114 -23.72 -11.82 24.96
C LEU B 114 -24.72 -12.88 25.46
N LEU B 115 -24.52 -14.10 25.00
CA LEU B 115 -25.36 -15.21 25.41
C LEU B 115 -25.27 -15.40 26.92
N ALA B 116 -24.07 -15.19 27.44
CA ALA B 116 -23.80 -15.32 28.87
C ALA B 116 -24.49 -14.22 29.65
N GLN B 117 -24.42 -12.98 29.16
CA GLN B 117 -25.06 -11.84 29.84
C GLN B 117 -26.55 -12.06 29.89
N ARG B 118 -26.96 -13.15 29.25
CA ARG B 118 -28.34 -13.51 29.23
C ARG B 118 -29.08 -12.43 28.42
N VAL B 119 -28.53 -12.14 27.24
CA VAL B 119 -29.15 -11.17 26.34
C VAL B 119 -30.42 -11.82 25.85
N SER B 120 -31.31 -11.05 25.24
CA SER B 120 -32.56 -11.62 24.75
C SER B 120 -32.45 -12.08 23.29
N GLY B 121 -31.95 -11.20 22.43
CA GLY B 121 -31.80 -11.53 21.02
C GLY B 121 -30.52 -10.88 20.54
N LEU B 122 -30.04 -11.27 19.36
CA LEU B 122 -28.78 -10.74 18.83
C LEU B 122 -28.83 -10.04 17.47
N ILE B 123 -28.22 -8.88 17.38
CA ILE B 123 -28.15 -8.15 16.13
C ILE B 123 -26.69 -8.26 15.75
N ILE B 124 -26.40 -9.08 14.77
CA ILE B 124 -25.02 -9.27 14.36
C ILE B 124 -24.58 -8.36 13.20
N ASN B 125 -23.94 -7.26 13.55
CA ASN B 125 -23.48 -6.32 12.56
C ASN B 125 -22.05 -6.75 12.28
N TYR B 126 -21.88 -7.67 11.33
CA TYR B 126 -20.55 -8.17 11.00
C TYR B 126 -20.60 -8.96 9.72
N PRO B 127 -19.55 -8.86 8.88
CA PRO B 127 -19.43 -9.55 7.59
C PRO B 127 -19.30 -11.08 7.65
N LEU B 128 -20.27 -11.77 7.06
CA LEU B 128 -20.21 -13.20 7.03
C LEU B 128 -20.61 -13.76 5.69
N ASP B 129 -19.94 -14.84 5.31
CA ASP B 129 -20.21 -15.54 4.06
C ASP B 129 -21.37 -16.48 4.35
N ASP B 130 -22.29 -16.64 3.40
CA ASP B 130 -23.45 -17.54 3.49
C ASP B 130 -23.25 -18.62 4.56
N GLN B 131 -22.17 -19.38 4.37
CA GLN B 131 -21.82 -20.47 5.27
C GLN B 131 -21.56 -20.08 6.71
N ASP B 132 -20.76 -19.04 6.91
CA ASP B 132 -20.42 -18.55 8.23
C ASP B 132 -21.65 -18.09 9.03
N ALA B 133 -22.51 -17.31 8.34
CA ALA B 133 -23.74 -16.77 8.89
C ALA B 133 -24.54 -17.90 9.48
N ILE B 134 -24.73 -18.94 8.68
CA ILE B 134 -25.48 -20.10 9.13
C ILE B 134 -24.83 -20.71 10.38
N ALA B 135 -23.50 -20.77 10.42
CA ALA B 135 -22.81 -21.34 11.56
C ALA B 135 -23.22 -20.60 12.79
N VAL B 136 -22.89 -19.31 12.78
CA VAL B 136 -23.16 -18.37 13.86
C VAL B 136 -24.59 -18.40 14.36
N GLU B 137 -25.56 -18.55 13.45
CA GLU B 137 -26.98 -18.59 13.84
C GLU B 137 -27.18 -19.68 14.89
N ALA B 138 -26.76 -20.90 14.56
CA ALA B 138 -26.90 -22.04 15.47
C ALA B 138 -26.06 -21.83 16.74
N ALA B 139 -25.02 -21.00 16.65
CA ALA B 139 -24.18 -20.70 17.82
C ALA B 139 -25.08 -20.05 18.87
N CYS B 140 -25.95 -19.16 18.41
CA CYS B 140 -26.89 -18.46 19.28
C CYS B 140 -27.85 -19.44 19.96
N THR B 141 -27.83 -20.68 19.49
CA THR B 141 -28.70 -21.74 19.98
C THR B 141 -30.16 -21.27 19.83
N ASN B 142 -30.86 -21.06 20.95
CA ASN B 142 -32.27 -20.65 20.95
C ASN B 142 -32.59 -19.13 20.93
N VAL B 143 -31.61 -18.26 21.17
CA VAL B 143 -31.92 -16.83 21.15
C VAL B 143 -32.13 -16.38 19.73
N PRO B 144 -33.11 -15.51 19.49
CA PRO B 144 -33.39 -15.00 18.16
C PRO B 144 -32.29 -14.02 17.79
N ALA B 145 -31.72 -14.20 16.60
CA ALA B 145 -30.65 -13.33 16.15
C ALA B 145 -30.90 -12.75 14.75
N LEU B 146 -30.83 -11.42 14.65
CA LEU B 146 -31.04 -10.72 13.40
C LEU B 146 -29.66 -10.44 12.81
N PHE B 147 -29.52 -10.59 11.49
CA PHE B 147 -28.26 -10.36 10.84
C PHE B 147 -28.31 -9.14 10.00
N LEU B 148 -27.31 -8.27 10.15
CA LEU B 148 -27.21 -7.01 9.42
C LEU B 148 -26.26 -6.88 8.21
N ASP B 149 -25.17 -7.65 8.19
CA ASP B 149 -24.23 -7.56 7.08
C ASP B 149 -24.05 -8.96 6.53
N VAL B 150 -24.94 -9.36 5.66
CA VAL B 150 -24.90 -10.69 5.06
C VAL B 150 -25.40 -10.65 3.62
N SER B 151 -25.29 -11.78 2.94
CA SER B 151 -25.75 -11.88 1.56
C SER B 151 -27.25 -11.68 1.68
N ASP B 152 -27.91 -11.13 0.65
CA ASP B 152 -29.37 -11.00 0.73
C ASP B 152 -29.96 -12.37 0.28
N GLN B 153 -29.08 -13.38 0.20
CA GLN B 153 -29.41 -14.72 -0.20
C GLN B 153 -29.44 -15.76 0.92
N THR B 154 -28.48 -15.66 1.84
CA THR B 154 -28.40 -16.61 2.96
C THR B 154 -29.68 -16.67 3.81
N PRO B 155 -30.18 -17.89 4.09
CA PRO B 155 -31.39 -18.24 4.88
C PRO B 155 -31.79 -17.29 6.04
N ILE B 156 -30.89 -17.20 7.02
CA ILE B 156 -31.08 -16.39 8.22
C ILE B 156 -31.82 -15.05 8.05
N ASN B 157 -32.33 -14.57 9.19
CA ASN B 157 -33.07 -13.34 9.28
C ASN B 157 -32.10 -12.22 9.08
N SER B 158 -32.47 -11.28 8.24
CA SER B 158 -31.57 -10.22 7.95
C SER B 158 -32.24 -9.02 7.34
N ILE B 159 -31.62 -7.87 7.53
CA ILE B 159 -32.08 -6.61 6.96
C ILE B 159 -30.86 -6.08 6.18
N ILE B 160 -31.01 -5.81 4.89
CA ILE B 160 -29.90 -5.34 4.06
C ILE B 160 -30.33 -4.14 3.21
N PHE B 161 -29.41 -3.24 2.93
CA PHE B 161 -29.75 -2.11 2.09
C PHE B 161 -29.67 -2.64 0.67
N SER B 162 -30.57 -2.22 -0.21
CA SER B 162 -30.54 -2.71 -1.58
C SER B 162 -29.19 -2.45 -2.26
N HIS B 163 -28.30 -3.43 -2.17
CA HIS B 163 -26.97 -3.39 -2.79
C HIS B 163 -27.11 -3.32 -4.28
N GLU B 164 -28.27 -3.74 -4.76
CA GLU B 164 -28.57 -3.73 -6.18
C GLU B 164 -28.95 -2.32 -6.62
N ASP B 165 -29.77 -1.64 -5.82
CA ASP B 165 -30.18 -0.27 -6.16
C ASP B 165 -29.00 0.67 -5.88
N GLY B 166 -28.25 0.35 -4.84
CA GLY B 166 -27.11 1.15 -4.45
C GLY B 166 -26.19 1.40 -5.62
N THR B 167 -25.70 0.33 -6.21
CA THR B 167 -24.80 0.40 -7.36
C THR B 167 -25.43 0.97 -8.64
N ARG B 168 -26.64 0.51 -8.92
CA ARG B 168 -27.45 0.92 -10.08
C ARG B 168 -27.52 2.45 -10.18
N LEU B 169 -27.76 3.07 -9.04
CA LEU B 169 -27.86 4.52 -8.96
C LEU B 169 -26.54 5.20 -9.23
N GLY B 170 -25.50 4.71 -8.55
CA GLY B 170 -24.20 5.32 -8.71
C GLY B 170 -23.81 5.28 -10.15
N VAL B 171 -23.91 4.08 -10.71
CA VAL B 171 -23.55 3.80 -12.09
C VAL B 171 -24.28 4.70 -13.06
N GLU B 172 -25.61 4.59 -13.05
CA GLU B 172 -26.44 5.36 -13.94
C GLU B 172 -26.32 6.86 -13.77
N HIS B 173 -26.00 7.33 -12.58
CA HIS B 173 -25.88 8.77 -12.39
C HIS B 173 -24.69 9.33 -13.19
N LEU B 174 -23.61 8.58 -13.16
CA LEU B 174 -22.43 8.97 -13.87
C LEU B 174 -22.65 8.86 -15.37
N VAL B 175 -23.14 7.72 -15.83
CA VAL B 175 -23.39 7.52 -17.26
C VAL B 175 -24.22 8.68 -17.82
N ALA B 176 -25.38 8.95 -17.24
CA ALA B 176 -26.21 10.06 -17.68
C ALA B 176 -25.41 11.37 -17.75
N LEU B 177 -24.51 11.54 -16.80
CA LEU B 177 -23.65 12.73 -16.71
C LEU B 177 -22.57 12.79 -17.82
N GLY B 178 -22.61 11.82 -18.72
CA GLY B 178 -21.69 11.78 -19.83
C GLY B 178 -20.32 11.22 -19.57
N HIS B 179 -20.16 10.52 -18.46
CA HIS B 179 -18.86 9.93 -18.14
C HIS B 179 -18.78 8.57 -18.84
N GLN B 180 -17.55 8.16 -19.19
CA GLN B 180 -17.36 6.89 -19.87
C GLN B 180 -16.23 6.12 -19.23
N GLN B 181 -15.21 6.89 -18.86
CA GLN B 181 -14.02 6.38 -18.22
C GLN B 181 -14.28 6.54 -16.75
N ILE B 182 -14.73 5.46 -16.15
CA ILE B 182 -15.05 5.44 -14.76
C ILE B 182 -14.12 4.42 -14.16
N ALA B 183 -13.58 4.75 -12.99
CA ALA B 183 -12.68 3.88 -12.26
C ALA B 183 -13.41 3.37 -11.01
N LEU B 184 -13.07 2.18 -10.54
CA LEU B 184 -13.73 1.64 -9.37
C LEU B 184 -12.81 1.50 -8.15
N LEU B 185 -13.20 2.04 -6.98
CA LEU B 185 -12.42 1.85 -5.77
C LEU B 185 -13.31 1.11 -4.82
N ALA B 186 -13.10 -0.20 -4.74
CA ALA B 186 -13.90 -1.07 -3.91
C ALA B 186 -13.35 -1.29 -2.51
N GLY B 187 -14.21 -1.77 -1.63
CA GLY B 187 -13.86 -2.06 -0.26
C GLY B 187 -13.07 -3.37 -0.14
N PRO B 188 -12.78 -3.84 1.08
CA PRO B 188 -12.02 -5.08 1.24
C PRO B 188 -12.76 -6.28 0.73
N LEU B 189 -12.49 -6.68 -0.50
CA LEU B 189 -13.17 -7.83 -1.09
C LEU B 189 -13.40 -9.05 -0.23
N SER B 190 -12.90 -9.05 1.01
CA SER B 190 -13.11 -10.16 1.93
C SER B 190 -14.31 -9.78 2.80
N SER B 191 -15.18 -8.91 2.28
CA SER B 191 -16.35 -8.42 2.99
C SER B 191 -17.56 -8.41 2.06
N VAL B 192 -18.48 -9.34 2.31
CA VAL B 192 -19.73 -9.54 1.57
C VAL B 192 -20.41 -8.29 1.04
N SER B 193 -20.44 -7.26 1.86
CA SER B 193 -21.03 -5.99 1.46
C SER B 193 -20.09 -5.34 0.45
N ALA B 194 -18.77 -5.44 0.73
CA ALA B 194 -17.72 -4.88 -0.12
C ALA B 194 -17.75 -5.60 -1.45
N ARG B 195 -18.07 -6.87 -1.39
CA ARG B 195 -18.18 -7.72 -2.56
C ARG B 195 -19.45 -7.44 -3.41
N LEU B 196 -20.63 -7.40 -2.77
CA LEU B 196 -21.89 -7.15 -3.50
C LEU B 196 -22.07 -5.80 -4.23
N ARG B 197 -21.27 -4.79 -3.87
CA ARG B 197 -21.35 -3.47 -4.52
C ARG B 197 -20.42 -3.48 -5.73
N LEU B 198 -19.33 -4.25 -5.61
CA LEU B 198 -18.38 -4.37 -6.72
C LEU B 198 -19.16 -4.99 -7.87
N ALA B 199 -19.83 -6.10 -7.56
CA ALA B 199 -20.68 -6.84 -8.50
C ALA B 199 -21.60 -5.84 -9.21
N GLY B 200 -22.55 -5.27 -8.46
CA GLY B 200 -23.48 -4.30 -9.01
C GLY B 200 -22.83 -3.19 -9.84
N TRP B 201 -21.55 -2.93 -9.61
CA TRP B 201 -20.88 -1.93 -10.42
C TRP B 201 -20.58 -2.53 -11.78
N HIS B 202 -20.04 -3.73 -11.74
CA HIS B 202 -19.68 -4.53 -12.92
C HIS B 202 -20.89 -5.10 -13.61
N LYS B 203 -22.03 -4.46 -13.41
CA LYS B 203 -23.26 -4.96 -13.99
C LYS B 203 -23.95 -3.79 -14.61
N TYR B 204 -24.18 -2.77 -13.81
CA TYR B 204 -24.86 -1.60 -14.29
C TYR B 204 -24.08 -0.75 -15.28
N LEU B 205 -22.75 -0.89 -15.27
CA LEU B 205 -21.87 -0.18 -16.22
C LEU B 205 -21.88 -1.05 -17.47
N THR B 206 -21.88 -2.36 -17.26
CA THR B 206 -21.91 -3.33 -18.36
C THR B 206 -23.19 -3.13 -19.18
N ARG B 207 -24.35 -3.22 -18.53
CA ARG B 207 -25.64 -2.99 -19.18
C ARG B 207 -25.66 -1.60 -19.83
N ASN B 208 -24.76 -0.71 -19.44
CA ASN B 208 -24.69 0.64 -20.01
C ASN B 208 -23.62 0.66 -21.10
N GLN B 209 -22.94 -0.48 -21.26
CA GLN B 209 -21.89 -0.70 -22.25
C GLN B 209 -20.47 -0.19 -21.87
N ILE B 210 -20.37 0.79 -20.97
CA ILE B 210 -19.09 1.37 -20.47
C ILE B 210 -18.27 0.33 -19.67
N GLN B 211 -16.94 0.37 -19.71
CA GLN B 211 -16.19 -0.58 -18.88
C GLN B 211 -15.13 0.09 -18.02
N PRO B 212 -15.09 -0.26 -16.71
CA PRO B 212 -14.16 0.29 -15.73
C PRO B 212 -12.69 0.29 -16.10
N ILE B 213 -12.16 1.48 -16.33
CA ILE B 213 -10.77 1.62 -16.68
C ILE B 213 -9.83 1.35 -15.53
N ALA B 214 -10.39 1.09 -14.36
CA ALA B 214 -9.57 0.77 -13.21
C ALA B 214 -10.39 0.10 -12.12
N GLU B 215 -9.70 -0.54 -11.18
CA GLU B 215 -10.37 -1.26 -10.12
C GLU B 215 -9.34 -1.46 -9.01
N ARG B 216 -9.62 -0.91 -7.82
CA ARG B 216 -8.70 -1.03 -6.71
C ARG B 216 -9.41 -1.63 -5.52
N GLU B 217 -8.63 -2.03 -4.52
CA GLU B 217 -9.15 -2.62 -3.30
C GLU B 217 -8.66 -1.81 -2.11
N GLY B 218 -9.61 -1.30 -1.33
CA GLY B 218 -9.26 -0.51 -0.17
C GLY B 218 -9.67 -1.25 1.09
N ASP B 219 -9.81 -0.55 2.21
CA ASP B 219 -10.23 -1.26 3.42
C ASP B 219 -11.15 -0.49 4.35
N TRP B 220 -11.83 0.50 3.76
CA TRP B 220 -12.79 1.36 4.46
C TRP B 220 -12.15 2.59 5.17
N SER B 221 -10.83 2.76 5.06
CA SER B 221 -10.20 3.88 5.74
C SER B 221 -9.96 5.02 4.76
N ALA B 222 -9.75 6.23 5.28
CA ALA B 222 -9.53 7.36 4.40
C ALA B 222 -8.23 7.21 3.63
N MET B 223 -7.19 6.74 4.33
CA MET B 223 -5.82 6.48 3.79
C MET B 223 -5.83 5.49 2.65
N SER B 224 -6.54 4.39 2.84
CA SER B 224 -6.70 3.34 1.85
C SER B 224 -7.17 3.93 0.51
N GLY B 225 -8.23 4.73 0.58
CA GLY B 225 -8.78 5.35 -0.61
C GLY B 225 -7.78 6.31 -1.17
N PHE B 226 -6.98 6.88 -0.28
CA PHE B 226 -5.93 7.84 -0.68
C PHE B 226 -4.76 7.21 -1.43
N GLN B 227 -4.23 6.12 -0.89
CA GLN B 227 -3.14 5.41 -1.52
C GLN B 227 -3.59 4.84 -2.87
N GLN B 228 -4.65 4.04 -2.87
CA GLN B 228 -5.17 3.44 -4.10
C GLN B 228 -5.49 4.45 -5.21
N THR B 229 -5.69 5.71 -4.87
CA THR B 229 -5.94 6.73 -5.86
C THR B 229 -4.67 7.44 -6.31
N MET B 230 -3.61 7.45 -5.47
CA MET B 230 -2.31 8.06 -5.86
C MET B 230 -1.65 6.99 -6.73
N GLN B 231 -1.87 5.74 -6.38
CA GLN B 231 -1.32 4.63 -7.12
C GLN B 231 -1.90 4.65 -8.50
N MET B 232 -3.22 4.55 -8.59
CA MET B 232 -3.89 4.55 -9.88
C MET B 232 -3.51 5.74 -10.73
N LEU B 233 -3.22 6.87 -10.11
CA LEU B 233 -2.82 8.10 -10.83
C LEU B 233 -1.31 8.26 -11.07
N ASN B 234 -0.53 7.45 -10.37
CA ASN B 234 0.92 7.48 -10.52
C ASN B 234 1.35 6.55 -11.66
N GLU B 235 0.36 5.93 -12.30
CA GLU B 235 0.62 5.03 -13.40
C GLU B 235 -0.22 5.29 -14.65
N GLY B 236 -0.78 6.48 -14.78
CA GLY B 236 -1.53 6.80 -15.99
C GLY B 236 -3.04 6.75 -16.12
N ILE B 237 -3.74 6.09 -15.20
CA ILE B 237 -5.19 6.07 -15.31
C ILE B 237 -5.83 7.35 -14.71
N VAL B 238 -6.07 8.36 -15.54
CA VAL B 238 -6.69 9.60 -15.06
C VAL B 238 -8.15 9.52 -15.57
N PRO B 239 -9.07 9.02 -14.74
CA PRO B 239 -10.42 8.97 -15.27
C PRO B 239 -11.21 10.25 -15.05
N THR B 240 -12.50 10.14 -15.23
CA THR B 240 -13.35 11.30 -15.06
C THR B 240 -14.41 11.08 -13.98
N ALA B 241 -14.40 9.92 -13.33
CA ALA B 241 -15.36 9.61 -12.29
C ALA B 241 -14.86 8.41 -11.55
N MET B 242 -15.28 8.24 -10.31
CA MET B 242 -14.86 7.10 -9.51
C MET B 242 -16.03 6.68 -8.67
N LEU B 243 -16.21 5.39 -8.51
CA LEU B 243 -17.29 4.89 -7.69
C LEU B 243 -16.57 4.30 -6.50
N VAL B 244 -16.72 4.89 -5.32
CA VAL B 244 -16.04 4.41 -4.11
C VAL B 244 -16.98 3.58 -3.21
N ALA B 245 -16.45 2.56 -2.54
CA ALA B 245 -17.25 1.68 -1.68
C ALA B 245 -17.77 2.25 -0.38
N ASN B 246 -17.34 3.44 -0.01
CA ASN B 246 -17.83 4.08 1.21
C ASN B 246 -17.34 5.50 1.29
N ASP B 247 -17.86 6.27 2.25
CA ASP B 247 -17.46 7.66 2.33
C ASP B 247 -16.08 7.97 2.87
N GLN B 248 -15.54 7.13 3.75
CA GLN B 248 -14.22 7.38 4.27
C GLN B 248 -13.14 7.21 3.20
N MET B 249 -13.27 6.17 2.37
CA MET B 249 -12.32 5.96 1.29
C MET B 249 -12.39 7.09 0.27
N ALA B 250 -13.56 7.67 0.07
CA ALA B 250 -13.72 8.78 -0.87
C ALA B 250 -13.11 10.06 -0.33
N LEU B 251 -12.98 10.16 0.99
CA LEU B 251 -12.40 11.32 1.65
C LEU B 251 -10.95 11.39 1.26
N GLY B 252 -10.29 10.26 1.48
CA GLY B 252 -8.89 10.10 1.17
C GLY B 252 -8.77 10.23 -0.32
N ALA B 253 -9.65 9.54 -1.04
CA ALA B 253 -9.67 9.57 -2.51
C ALA B 253 -9.67 10.98 -3.07
N MET B 254 -10.42 11.86 -2.40
CA MET B 254 -10.55 13.26 -2.78
C MET B 254 -9.28 14.08 -2.55
N ARG B 255 -8.65 13.90 -1.39
CA ARG B 255 -7.41 14.62 -1.12
C ARG B 255 -6.41 14.18 -2.17
N ALA B 256 -6.44 12.90 -2.50
CA ALA B 256 -5.56 12.32 -3.50
C ALA B 256 -5.70 13.13 -4.79
N ILE B 257 -6.86 13.02 -5.42
CA ILE B 257 -7.19 13.74 -6.65
C ILE B 257 -6.84 15.23 -6.61
N THR B 258 -6.71 15.79 -5.41
CA THR B 258 -6.39 17.20 -5.28
C THR B 258 -4.88 17.43 -5.24
N GLU B 259 -4.16 16.71 -4.39
CA GLU B 259 -2.72 16.92 -4.29
C GLU B 259 -2.09 16.68 -5.67
N SER B 260 -2.89 16.19 -6.61
CA SER B 260 -2.41 15.90 -7.95
C SER B 260 -2.70 16.95 -9.02
N GLY B 261 -3.17 18.12 -8.64
CA GLY B 261 -3.48 19.12 -9.65
C GLY B 261 -4.85 18.93 -10.28
N LEU B 262 -5.60 17.92 -9.82
CA LEU B 262 -6.93 17.64 -10.33
C LEU B 262 -8.04 18.27 -9.49
N ARG B 263 -9.04 18.83 -10.16
CA ARG B 263 -10.17 19.42 -9.51
C ARG B 263 -11.19 18.32 -9.30
N VAL B 264 -11.51 18.03 -8.04
CA VAL B 264 -12.51 17.01 -7.77
C VAL B 264 -13.83 17.55 -8.27
N GLY B 265 -14.61 16.64 -8.81
CA GLY B 265 -15.88 17.01 -9.39
C GLY B 265 -15.71 17.31 -10.86
N ALA B 266 -15.12 18.47 -11.15
CA ALA B 266 -14.87 18.93 -12.51
C ALA B 266 -13.91 18.07 -13.31
N ASP B 267 -12.79 17.70 -12.69
CA ASP B 267 -11.81 16.87 -13.38
C ASP B 267 -12.02 15.39 -13.08
N ILE B 268 -12.35 15.07 -11.85
CA ILE B 268 -12.62 13.68 -11.53
C ILE B 268 -13.79 13.67 -10.59
N SER B 269 -14.93 13.23 -11.07
CA SER B 269 -16.15 13.15 -10.27
C SER B 269 -16.12 11.95 -9.32
N VAL B 270 -16.40 12.20 -8.06
CA VAL B 270 -16.41 11.16 -7.05
C VAL B 270 -17.82 11.03 -6.44
N VAL B 271 -18.19 9.81 -6.08
CA VAL B 271 -19.50 9.53 -5.49
C VAL B 271 -19.24 8.50 -4.40
N GLY B 272 -19.41 8.91 -3.14
CA GLY B 272 -19.15 8.01 -2.02
C GLY B 272 -20.20 6.93 -1.90
N TYR B 273 -20.50 6.49 -0.69
CA TYR B 273 -21.49 5.46 -0.52
C TYR B 273 -21.64 5.18 0.97
N ASP B 274 -22.80 5.59 1.50
CA ASP B 274 -23.25 5.47 2.90
C ASP B 274 -23.91 6.75 3.39
N ASP B 275 -23.27 7.86 3.07
CA ASP B 275 -23.67 9.18 3.53
C ASP B 275 -23.62 9.23 5.02
N THR B 276 -22.43 9.03 5.55
CA THR B 276 -22.22 9.09 6.98
C THR B 276 -22.23 10.54 7.35
N GLU B 277 -22.06 10.86 8.61
CA GLU B 277 -22.16 12.24 8.94
C GLU B 277 -21.22 13.26 8.40
N ASP B 278 -19.91 13.09 8.46
CA ASP B 278 -19.04 14.14 7.96
C ASP B 278 -19.13 14.37 6.47
N SER B 279 -19.71 13.43 5.73
CA SER B 279 -19.80 13.57 4.29
C SER B 279 -20.37 14.87 3.79
N SER B 280 -21.10 15.59 4.62
CA SER B 280 -21.70 16.87 4.22
C SER B 280 -20.63 17.90 4.18
N CYS B 281 -19.67 17.78 5.08
CA CYS B 281 -18.59 18.73 5.21
C CYS B 281 -17.30 18.37 4.51
N TYR B 282 -17.20 17.16 3.99
CA TYR B 282 -16.00 16.79 3.25
C TYR B 282 -16.05 17.85 2.24
N ILE B 283 -14.94 18.56 2.07
CA ILE B 283 -14.83 19.65 1.10
C ILE B 283 -15.92 19.58 0.06
N PRO B 284 -15.66 19.13 -1.20
CA PRO B 284 -16.94 19.19 -1.95
C PRO B 284 -17.98 18.23 -1.32
N PRO B 285 -19.00 18.78 -0.63
CA PRO B 285 -20.01 17.92 0.00
C PRO B 285 -20.33 16.72 -0.91
N LEU B 286 -19.75 15.61 -0.56
CA LEU B 286 -19.87 14.38 -1.29
C LEU B 286 -21.24 13.91 -1.82
N THR B 287 -21.35 13.73 -3.14
CA THR B 287 -22.57 13.18 -3.72
C THR B 287 -22.37 11.70 -3.36
N THR B 288 -23.22 11.21 -2.48
CA THR B 288 -23.08 9.85 -2.00
C THR B 288 -24.39 9.07 -2.05
N ILE B 289 -24.31 7.74 -1.99
CA ILE B 289 -25.50 6.90 -1.97
C ILE B 289 -25.78 6.76 -0.47
N LYS B 290 -27.01 6.97 -0.03
CA LYS B 290 -27.28 6.92 1.39
C LYS B 290 -27.68 5.57 1.94
N GLN B 291 -27.37 5.34 3.20
CA GLN B 291 -27.74 4.14 3.92
C GLN B 291 -28.22 4.80 5.19
N ASP B 292 -29.51 4.67 5.43
CA ASP B 292 -30.13 5.29 6.60
C ASP B 292 -29.97 4.30 7.74
N PHE B 293 -28.98 4.53 8.58
CA PHE B 293 -28.74 3.62 9.71
C PHE B 293 -29.69 3.98 10.86
N ARG B 294 -30.13 5.23 10.85
CA ARG B 294 -31.06 5.79 11.83
C ARG B 294 -32.31 4.95 11.73
N LEU B 295 -32.70 4.64 10.50
CA LEU B 295 -33.87 3.83 10.20
C LEU B 295 -33.56 2.35 10.10
N LEU B 296 -32.29 1.99 10.02
CA LEU B 296 -31.92 0.57 9.97
C LEU B 296 -32.01 0.02 11.39
N GLY B 297 -31.61 0.83 12.37
CA GLY B 297 -31.70 0.41 13.74
C GLY B 297 -33.14 0.34 14.18
N GLN B 298 -33.96 1.27 13.70
CA GLN B 298 -35.39 1.32 14.03
C GLN B 298 -36.04 -0.01 13.73
N THR B 299 -36.02 -0.35 12.46
CA THR B 299 -36.57 -1.58 11.97
C THR B 299 -35.93 -2.81 12.65
N SER B 300 -34.62 -2.72 12.96
CA SER B 300 -33.84 -3.79 13.58
C SER B 300 -34.25 -4.19 14.98
N VAL B 301 -34.04 -3.29 15.93
CA VAL B 301 -34.39 -3.51 17.33
C VAL B 301 -35.80 -4.09 17.29
N ASP B 302 -36.63 -3.44 16.49
CA ASP B 302 -38.01 -3.82 16.29
C ASP B 302 -38.20 -5.25 15.89
N ARG B 303 -37.88 -5.58 14.64
CA ARG B 303 -38.06 -6.93 14.17
C ARG B 303 -37.51 -7.92 15.17
N LEU B 304 -36.41 -7.55 15.81
CA LEU B 304 -35.78 -8.40 16.81
C LEU B 304 -36.80 -8.74 17.90
N LEU B 305 -37.63 -7.79 18.27
CA LEU B 305 -38.64 -8.04 19.28
C LEU B 305 -39.64 -9.00 18.71
N GLN B 306 -40.09 -8.72 17.50
CA GLN B 306 -41.07 -9.57 16.84
C GLN B 306 -40.68 -11.03 16.76
N LEU B 307 -39.44 -11.32 16.40
CA LEU B 307 -38.97 -12.72 16.31
C LEU B 307 -39.07 -13.43 17.65
N SER B 308 -38.60 -12.73 18.69
CA SER B 308 -38.58 -13.30 20.03
C SER B 308 -39.95 -13.49 20.58
N GLN B 309 -40.71 -12.39 20.65
CA GLN B 309 -42.07 -12.40 21.18
C GLN B 309 -43.07 -13.03 20.18
N GLY B 310 -42.92 -14.34 20.02
CA GLY B 310 -43.79 -15.08 19.15
C GLY B 310 -43.41 -15.29 17.70
N GLN B 311 -43.99 -14.44 16.84
CA GLN B 311 -43.78 -14.56 15.41
C GLN B 311 -42.43 -14.13 14.80
N ALA B 312 -42.52 -13.53 13.60
CA ALA B 312 -41.38 -13.09 12.82
C ALA B 312 -41.86 -12.48 11.50
N VAL B 313 -41.09 -12.75 10.45
CA VAL B 313 -41.32 -12.34 9.05
C VAL B 313 -40.50 -13.39 8.29
N LYS B 314 -39.31 -13.70 8.82
CA LYS B 314 -38.37 -14.67 8.27
C LYS B 314 -37.49 -14.25 7.11
N GLY B 315 -36.24 -14.74 7.17
CA GLY B 315 -35.26 -14.49 6.13
C GLY B 315 -34.99 -13.09 5.63
N ASN B 316 -34.50 -13.03 4.40
CA ASN B 316 -34.14 -11.78 3.74
C ASN B 316 -35.25 -10.70 3.62
N GLN B 317 -34.89 -9.47 4.01
CA GLN B 317 -35.77 -8.29 3.97
C GLN B 317 -34.84 -7.11 3.63
N LEU B 318 -35.09 -6.45 2.50
CA LEU B 318 -34.24 -5.33 2.05
C LEU B 318 -34.84 -3.95 2.27
N LEU B 319 -33.97 -2.97 2.43
CA LEU B 319 -34.41 -1.60 2.62
C LEU B 319 -33.84 -0.83 1.46
N PRO B 320 -34.39 0.35 1.19
CA PRO B 320 -33.90 1.17 0.08
C PRO B 320 -32.68 2.04 0.40
N VAL B 321 -32.12 2.63 -0.64
CA VAL B 321 -30.97 3.51 -0.58
C VAL B 321 -31.38 4.66 -1.49
N SER B 322 -30.46 5.55 -1.82
CA SER B 322 -30.77 6.68 -2.69
C SER B 322 -29.57 7.54 -3.00
N LEU B 323 -29.69 8.33 -4.05
CA LEU B 323 -28.61 9.19 -4.44
C LEU B 323 -28.74 10.55 -3.83
N VAL B 324 -27.87 10.87 -2.86
CA VAL B 324 -27.83 12.19 -2.21
C VAL B 324 -26.91 13.05 -3.09
N LYS B 325 -27.50 13.62 -4.14
CA LYS B 325 -26.79 14.44 -5.09
C LYS B 325 -26.25 15.69 -4.39
N ARG B 326 -24.93 15.81 -4.33
CA ARG B 326 -24.32 16.96 -3.70
C ARG B 326 -23.39 17.72 -4.65
N LYS B 327 -22.08 17.72 -4.36
CA LYS B 327 -21.16 18.48 -5.18
C LYS B 327 -19.93 17.82 -5.86
N THR B 328 -19.74 16.51 -5.73
CA THR B 328 -18.61 15.82 -6.37
C THR B 328 -18.90 15.16 -7.71
N THR B 329 -19.87 15.65 -8.46
CA THR B 329 -20.24 15.00 -9.72
C THR B 329 -20.67 15.97 -10.80
N LEU B 330 -19.94 16.04 -11.92
CA LEU B 330 -20.23 16.96 -13.05
C LEU B 330 -20.13 16.39 -14.47
N ALA B 331 -20.35 17.25 -15.47
CA ALA B 331 -20.23 16.88 -16.88
C ALA B 331 -18.78 16.47 -16.97
N PRO B 332 -18.46 15.40 -17.72
CA PRO B 332 -17.06 14.93 -17.82
C PRO B 332 -16.09 16.08 -17.95
N ASN B 333 -15.92 16.62 -19.16
CA ASN B 333 -15.01 17.74 -19.39
C ASN B 333 -13.88 17.82 -18.35
N THR B 334 -12.84 17.00 -18.54
CA THR B 334 -11.65 16.97 -17.66
C THR B 334 -10.87 18.25 -18.07
N GLN B 335 -11.66 19.32 -18.28
CA GLN B 335 -11.27 20.65 -18.77
C GLN B 335 -10.61 20.64 -20.16
N THR B 336 -11.16 21.50 -21.01
CA THR B 336 -10.70 21.64 -22.39
C THR B 336 -10.39 23.12 -22.71
N ALA B 337 -9.43 23.32 -23.63
CA ALA B 337 -8.95 24.64 -24.14
C ALA B 337 -7.81 25.46 -23.47
N SER B 338 -7.51 26.59 -24.14
CA SER B 338 -6.49 27.60 -23.81
C SER B 338 -5.41 27.71 -24.90
N PRO B 339 -5.14 28.95 -25.35
CA PRO B 339 -4.10 29.01 -26.37
C PRO B 339 -2.82 28.98 -25.53
N ARG B 340 -2.12 30.11 -25.53
CA ARG B 340 -0.93 30.33 -24.75
C ARG B 340 -1.42 31.09 -23.52
N ALA B 341 -2.72 30.91 -23.22
CA ALA B 341 -3.37 31.53 -22.08
C ALA B 341 -2.71 30.96 -20.85
N LEU B 342 -2.55 29.64 -20.84
CA LEU B 342 -1.90 28.97 -19.73
C LEU B 342 -0.40 29.19 -19.73
N ALA B 343 0.13 29.63 -20.86
CA ALA B 343 1.56 29.93 -20.89
C ALA B 343 1.66 31.24 -20.09
N ASP B 344 0.75 32.17 -20.38
CA ASP B 344 0.71 33.48 -19.71
C ASP B 344 0.49 33.32 -18.23
N SER B 345 -0.19 32.24 -17.88
CA SER B 345 -0.47 31.94 -16.49
C SER B 345 0.84 31.55 -15.80
N LEU B 346 1.47 30.47 -16.28
CA LEU B 346 2.73 29.96 -15.72
C LEU B 346 3.62 31.14 -15.52
N MET B 347 3.77 31.89 -16.60
CA MET B 347 4.57 33.11 -16.67
C MET B 347 4.65 33.94 -15.39
N GLN B 348 3.50 34.14 -14.72
CA GLN B 348 3.44 34.92 -13.48
C GLN B 348 3.99 34.20 -12.27
N LEU B 349 3.71 32.91 -12.16
CA LEU B 349 4.17 32.14 -11.03
C LEU B 349 5.68 32.24 -10.94
N ALA B 350 6.32 32.27 -12.12
CA ALA B 350 7.77 32.42 -12.25
C ALA B 350 8.17 33.68 -11.47
N ARG B 351 7.54 34.81 -11.80
CA ARG B 351 7.78 36.09 -11.11
C ARG B 351 7.67 35.84 -9.61
N GLN B 352 6.57 35.22 -9.23
CA GLN B 352 6.26 34.87 -7.85
C GLN B 352 7.35 34.05 -7.20
N VAL B 353 7.77 33.01 -7.89
CA VAL B 353 8.80 32.14 -7.36
C VAL B 353 10.11 32.95 -7.24
N SER B 354 10.49 33.66 -8.29
CA SER B 354 11.71 34.47 -8.28
C SER B 354 11.47 35.75 -7.48
N ARG B 355 10.26 35.85 -6.95
CA ARG B 355 9.85 36.94 -6.10
C ARG B 355 10.37 36.47 -4.74
N LEU B 356 10.69 35.18 -4.65
CA LEU B 356 11.17 34.61 -3.41
C LEU B 356 12.67 34.35 -3.37
N GLU B 357 13.24 33.87 -4.48
CA GLU B 357 14.69 33.55 -4.52
C GLU B 357 15.43 33.86 -5.85
N LEU C 62 0.94 -36.82 -9.32
CA LEU C 62 1.50 -36.15 -10.56
C LEU C 62 2.83 -35.42 -10.24
N LEU C 63 3.52 -34.89 -11.27
CA LEU C 63 4.78 -34.19 -11.09
C LEU C 63 5.43 -33.75 -12.38
N ILE C 64 5.45 -32.43 -12.59
CA ILE C 64 6.03 -31.79 -13.77
C ILE C 64 7.53 -31.49 -13.59
N GLY C 65 8.29 -31.49 -14.68
CA GLY C 65 9.69 -31.17 -14.57
C GLY C 65 9.96 -30.03 -15.52
N VAL C 66 10.88 -29.14 -15.17
CA VAL C 66 11.18 -28.03 -16.05
C VAL C 66 12.67 -27.85 -16.25
N ALA C 67 13.14 -28.08 -17.47
CA ALA C 67 14.54 -27.89 -17.79
C ALA C 67 14.55 -26.39 -18.13
N THR C 68 15.33 -25.60 -17.40
CA THR C 68 15.34 -24.15 -17.59
C THR C 68 16.64 -23.53 -18.07
N SER C 69 16.53 -22.31 -18.59
CA SER C 69 17.68 -21.53 -19.05
C SER C 69 18.31 -21.11 -17.72
N SER C 70 19.19 -20.13 -17.74
CA SER C 70 19.78 -19.71 -16.48
C SER C 70 18.68 -19.06 -15.65
N LEU C 71 18.58 -19.47 -14.38
CA LEU C 71 17.59 -18.93 -13.44
C LEU C 71 17.87 -17.46 -13.11
N ALA C 72 19.07 -17.00 -13.44
CA ALA C 72 19.51 -15.63 -13.18
C ALA C 72 19.03 -14.61 -14.22
N LEU C 73 18.07 -15.00 -15.05
CA LEU C 73 17.68 -14.09 -16.07
C LEU C 73 16.32 -13.47 -16.06
N HIS C 74 15.74 -13.32 -14.89
CA HIS C 74 14.41 -12.69 -14.80
C HIS C 74 13.27 -13.43 -15.49
N ALA C 75 13.03 -13.15 -16.77
CA ALA C 75 11.94 -13.79 -17.48
C ALA C 75 11.85 -15.28 -17.21
N PRO C 76 12.96 -16.04 -17.38
CA PRO C 76 12.87 -17.48 -17.10
C PRO C 76 12.47 -17.81 -15.63
N SER C 77 12.95 -16.99 -14.69
CA SER C 77 12.65 -17.15 -13.27
C SER C 77 11.16 -16.91 -13.04
N GLN C 78 10.66 -15.82 -13.62
CA GLN C 78 9.28 -15.44 -13.50
C GLN C 78 8.42 -16.48 -14.16
N ILE C 79 8.88 -17.06 -15.26
CA ILE C 79 8.08 -18.09 -15.89
C ILE C 79 7.99 -19.28 -14.95
N VAL C 80 9.12 -19.68 -14.35
CA VAL C 80 9.14 -20.82 -13.41
C VAL C 80 8.21 -20.57 -12.23
N ALA C 81 8.28 -19.37 -11.67
CA ALA C 81 7.44 -18.99 -10.55
C ALA C 81 5.99 -19.09 -10.97
N ALA C 82 5.72 -18.71 -12.20
CA ALA C 82 4.38 -18.78 -12.74
C ALA C 82 3.96 -20.23 -12.79
N ILE C 83 4.72 -21.03 -13.51
CA ILE C 83 4.42 -22.44 -13.64
C ILE C 83 4.20 -23.07 -12.28
N LYS C 84 4.96 -22.63 -11.28
CA LYS C 84 4.81 -23.16 -9.93
C LYS C 84 3.39 -22.98 -9.41
N SER C 85 2.85 -21.76 -9.58
CA SER C 85 1.52 -21.41 -9.13
C SER C 85 0.49 -22.26 -9.82
N ARG C 86 0.52 -22.30 -11.13
CA ARG C 86 -0.48 -23.11 -11.84
C ARG C 86 -0.48 -24.57 -11.40
N ALA C 87 0.71 -25.07 -11.09
CA ALA C 87 0.86 -26.42 -10.62
C ALA C 87 0.04 -26.44 -9.36
N ASP C 88 0.40 -25.56 -8.43
CA ASP C 88 -0.29 -25.47 -7.15
C ASP C 88 -1.78 -25.46 -7.28
N GLN C 89 -2.32 -24.63 -8.17
CA GLN C 89 -3.77 -24.54 -8.40
C GLN C 89 -4.41 -25.93 -8.62
N LEU C 90 -3.78 -26.80 -9.41
CA LEU C 90 -4.34 -28.12 -9.66
C LEU C 90 -3.62 -29.20 -8.83
N GLY C 91 -2.75 -28.75 -7.91
CA GLY C 91 -2.00 -29.65 -7.04
C GLY C 91 -0.95 -30.52 -7.75
N ALA C 92 -0.22 -29.91 -8.67
CA ALA C 92 0.79 -30.62 -9.43
C ALA C 92 2.13 -30.30 -8.81
N SER C 93 2.98 -31.32 -8.65
CA SER C 93 4.29 -31.07 -8.10
C SER C 93 5.31 -30.74 -9.19
N VAL C 94 6.08 -29.68 -8.95
CA VAL C 94 7.08 -29.24 -9.90
C VAL C 94 8.46 -29.62 -9.41
N VAL C 95 9.43 -29.48 -10.32
CA VAL C 95 10.85 -29.76 -10.09
C VAL C 95 11.69 -29.12 -11.23
N VAL C 96 12.63 -28.28 -10.88
CA VAL C 96 13.41 -27.58 -11.86
C VAL C 96 14.86 -28.04 -12.04
N SER C 97 15.29 -28.09 -13.30
CA SER C 97 16.66 -28.48 -13.63
C SER C 97 17.31 -27.29 -14.36
N MET C 98 18.40 -26.82 -13.79
CA MET C 98 19.15 -25.70 -14.32
C MET C 98 20.00 -26.09 -15.54
N VAL C 99 19.67 -25.51 -16.69
CA VAL C 99 20.41 -25.79 -17.91
C VAL C 99 21.47 -24.73 -18.21
N GLU C 100 22.68 -25.23 -18.49
CA GLU C 100 23.85 -24.42 -18.81
C GLU C 100 23.80 -23.99 -20.28
N ARG C 101 24.09 -22.71 -20.55
CA ARG C 101 24.06 -22.14 -21.92
C ARG C 101 24.90 -22.93 -22.91
N SER C 102 25.59 -23.94 -22.37
CA SER C 102 26.42 -24.84 -23.14
C SER C 102 25.71 -25.25 -24.43
N GLY C 103 24.48 -25.74 -24.34
CA GLY C 103 23.79 -26.11 -25.55
C GLY C 103 22.91 -27.34 -25.44
N VAL C 104 22.44 -27.82 -26.59
CA VAL C 104 21.55 -28.99 -26.66
C VAL C 104 22.05 -30.29 -26.06
N GLU C 105 23.33 -30.39 -25.77
CA GLU C 105 23.78 -31.62 -25.18
C GLU C 105 23.54 -31.47 -23.67
N ALA C 106 23.41 -30.22 -23.21
CA ALA C 106 23.14 -29.96 -21.80
C ALA C 106 21.65 -30.18 -21.72
N CYS C 107 20.91 -29.40 -22.50
CA CYS C 107 19.46 -29.54 -22.52
C CYS C 107 19.32 -30.84 -23.22
N LYS C 108 19.27 -31.91 -22.45
CA LYS C 108 19.18 -33.24 -23.00
C LYS C 108 19.55 -34.01 -21.77
N THR C 109 20.65 -33.63 -21.17
CA THR C 109 21.08 -34.24 -19.95
C THR C 109 19.96 -33.93 -18.92
N ALA C 110 19.57 -32.65 -18.81
CA ALA C 110 18.53 -32.21 -17.88
C ALA C 110 17.24 -32.99 -18.11
N VAL C 111 16.92 -33.16 -19.38
CA VAL C 111 15.76 -33.91 -19.80
C VAL C 111 15.90 -35.32 -19.23
N HIS C 112 17.12 -35.87 -19.29
CA HIS C 112 17.43 -37.21 -18.80
C HIS C 112 17.46 -37.31 -17.33
N ASN C 113 17.72 -36.18 -16.70
CA ASN C 113 17.79 -36.19 -15.27
C ASN C 113 16.42 -36.07 -14.63
N LEU C 114 15.54 -35.31 -15.27
CA LEU C 114 14.18 -35.15 -14.78
C LEU C 114 13.41 -36.44 -15.07
N LEU C 115 13.90 -37.22 -16.02
CA LEU C 115 13.30 -38.49 -16.34
C LEU C 115 13.69 -39.48 -15.27
N ALA C 116 14.83 -39.26 -14.65
CA ALA C 116 15.29 -40.15 -13.59
C ALA C 116 14.36 -40.03 -12.40
N GLN C 117 13.78 -38.84 -12.23
CA GLN C 117 12.86 -38.55 -11.12
C GLN C 117 11.50 -39.19 -11.32
N ARG C 118 11.16 -39.46 -12.57
CA ARG C 118 9.91 -40.07 -12.98
C ARG C 118 8.89 -39.00 -13.16
N VAL C 119 9.27 -37.89 -13.81
CA VAL C 119 8.30 -36.84 -14.07
C VAL C 119 7.18 -37.32 -14.97
N SER C 120 6.03 -36.70 -14.78
CA SER C 120 4.86 -37.08 -15.55
C SER C 120 4.84 -36.32 -16.87
N GLY C 121 5.40 -35.12 -16.86
CA GLY C 121 5.43 -34.33 -18.06
C GLY C 121 6.59 -33.40 -17.96
N LEU C 122 7.10 -32.98 -19.10
CA LEU C 122 8.24 -32.07 -19.11
C LEU C 122 7.98 -30.76 -19.81
N ILE C 123 8.44 -29.68 -19.19
CA ILE C 123 8.32 -28.40 -19.86
C ILE C 123 9.77 -28.03 -20.05
N ILE C 124 10.10 -27.64 -21.28
CA ILE C 124 11.45 -27.27 -21.63
C ILE C 124 11.57 -25.84 -22.10
N ASN C 125 11.93 -24.97 -21.19
CA ASN C 125 12.15 -23.59 -21.55
C ASN C 125 13.65 -23.46 -21.62
N TYR C 126 14.18 -23.69 -22.80
CA TYR C 126 15.59 -23.53 -23.05
C TYR C 126 15.58 -23.22 -24.54
N PRO C 127 16.44 -22.29 -24.98
CA PRO C 127 16.52 -21.89 -26.40
C PRO C 127 17.20 -22.87 -27.34
N LEU C 128 16.45 -23.90 -27.73
CA LEU C 128 16.94 -24.93 -28.65
C LEU C 128 16.69 -24.50 -30.10
N ASP C 129 17.49 -25.02 -31.04
CA ASP C 129 17.33 -24.74 -32.48
C ASP C 129 16.54 -25.89 -33.10
N ASP C 130 15.92 -25.67 -34.25
CA ASP C 130 15.09 -26.70 -34.94
C ASP C 130 15.52 -28.15 -34.72
N GLN C 131 16.64 -28.55 -35.33
CA GLN C 131 17.13 -29.91 -35.16
C GLN C 131 17.58 -30.22 -33.74
N ASP C 132 17.87 -29.18 -32.94
CA ASP C 132 18.26 -29.33 -31.53
C ASP C 132 17.00 -29.64 -30.74
N ALA C 133 15.86 -29.17 -31.23
CA ALA C 133 14.58 -29.40 -30.57
C ALA C 133 14.10 -30.79 -30.95
N ILE C 134 14.31 -31.14 -32.20
CA ILE C 134 13.91 -32.42 -32.74
C ILE C 134 14.69 -33.53 -32.02
N ALA C 135 15.96 -33.25 -31.74
CA ALA C 135 16.87 -34.17 -31.08
C ALA C 135 16.55 -34.43 -29.62
N VAL C 136 15.99 -33.42 -28.96
CA VAL C 136 15.63 -33.51 -27.53
C VAL C 136 14.31 -34.25 -27.30
N GLU C 137 13.40 -34.18 -28.28
CA GLU C 137 12.14 -34.87 -28.08
C GLU C 137 12.36 -36.36 -28.24
N ALA C 138 13.34 -36.72 -29.06
CA ALA C 138 13.69 -38.12 -29.27
C ALA C 138 14.11 -38.71 -27.93
N ALA C 139 14.78 -37.86 -27.14
CA ALA C 139 15.28 -38.17 -25.80
C ALA C 139 14.15 -38.19 -24.74
N CYS C 140 12.99 -37.60 -25.08
CA CYS C 140 11.80 -37.55 -24.22
C CYS C 140 11.04 -38.82 -24.54
N THR C 141 11.55 -39.91 -23.99
CA THR C 141 10.99 -41.23 -24.14
C THR C 141 9.64 -41.19 -23.41
N ASN C 142 8.57 -41.65 -24.08
CA ASN C 142 7.20 -41.65 -23.48
C ASN C 142 6.69 -40.25 -22.96
N VAL C 143 7.13 -39.80 -21.78
CA VAL C 143 6.65 -38.53 -21.23
C VAL C 143 6.52 -37.45 -22.28
N PRO C 144 5.43 -36.69 -22.21
CA PRO C 144 5.23 -35.63 -23.19
C PRO C 144 6.02 -34.38 -22.80
N ALA C 145 6.77 -33.85 -23.76
CA ALA C 145 7.55 -32.65 -23.53
C ALA C 145 6.77 -31.48 -24.12
N LEU C 146 7.00 -30.29 -23.59
CA LEU C 146 6.36 -29.09 -24.06
C LEU C 146 7.51 -28.09 -24.24
N PHE C 147 7.62 -27.46 -25.40
CA PHE C 147 8.71 -26.52 -25.66
C PHE C 147 8.30 -25.05 -25.60
N LEU C 148 9.02 -24.27 -24.80
CA LEU C 148 8.73 -22.85 -24.66
C LEU C 148 9.61 -21.97 -25.54
N ASP C 149 10.90 -22.30 -25.64
CA ASP C 149 11.80 -21.49 -26.48
C ASP C 149 12.19 -22.20 -27.76
N VAL C 150 11.40 -21.97 -28.79
CA VAL C 150 11.61 -22.55 -30.08
C VAL C 150 10.90 -21.59 -31.02
N SER C 151 10.73 -22.01 -32.26
CA SER C 151 10.06 -21.19 -33.27
C SER C 151 8.76 -21.89 -33.63
N ASP C 152 7.74 -21.11 -33.92
CA ASP C 152 6.47 -21.70 -34.31
C ASP C 152 6.69 -22.66 -35.51
N GLN C 153 7.81 -22.45 -36.22
CA GLN C 153 8.16 -23.25 -37.39
C GLN C 153 8.65 -24.71 -37.11
N THR C 154 8.97 -25.03 -35.85
CA THR C 154 9.44 -26.37 -35.50
C THR C 154 8.28 -27.31 -35.16
N PRO C 155 8.19 -28.43 -35.91
CA PRO C 155 7.19 -29.50 -35.82
C PRO C 155 7.22 -30.31 -34.53
N ILE C 156 7.12 -29.60 -33.40
CA ILE C 156 7.10 -30.19 -32.04
C ILE C 156 5.98 -29.49 -31.29
N ASN C 157 5.74 -29.93 -30.06
CA ASN C 157 4.73 -29.29 -29.25
C ASN C 157 5.31 -28.08 -28.59
N SER C 158 4.93 -26.91 -29.05
CA SER C 158 5.44 -25.67 -28.48
C SER C 158 4.35 -24.67 -28.16
N ILE C 159 4.68 -23.75 -27.27
CA ILE C 159 3.80 -22.66 -26.86
C ILE C 159 4.77 -21.47 -26.74
N ILE C 160 4.58 -20.43 -27.54
CA ILE C 160 5.47 -19.28 -27.52
C ILE C 160 4.71 -17.94 -27.61
N PHE C 161 5.43 -16.81 -27.57
CA PHE C 161 4.81 -15.49 -27.67
C PHE C 161 5.04 -14.92 -29.05
N SER C 162 3.96 -14.45 -29.66
CA SER C 162 4.01 -13.90 -31.00
C SER C 162 5.11 -12.91 -31.27
N HIS C 163 6.18 -13.43 -31.80
CA HIS C 163 7.30 -12.59 -32.14
C HIS C 163 6.87 -11.65 -33.26
N GLU C 164 5.76 -11.95 -33.91
CA GLU C 164 5.36 -11.08 -35.02
C GLU C 164 4.79 -9.76 -34.56
N ASP C 165 3.75 -9.81 -33.76
CA ASP C 165 3.11 -8.61 -33.24
C ASP C 165 4.07 -7.88 -32.31
N GLY C 166 4.83 -8.67 -31.54
CA GLY C 166 5.79 -8.12 -30.61
C GLY C 166 6.90 -7.25 -31.20
N THR C 167 7.15 -7.39 -32.49
CA THR C 167 8.17 -6.61 -33.16
C THR C 167 7.46 -5.59 -34.01
N ARG C 168 6.25 -5.94 -34.42
CA ARG C 168 5.40 -5.07 -35.22
C ARG C 168 5.09 -3.79 -34.46
N LEU C 169 4.37 -3.95 -33.35
CA LEU C 169 3.97 -2.84 -32.48
C LEU C 169 5.14 -1.96 -32.11
N GLY C 170 6.22 -2.58 -31.64
CA GLY C 170 7.41 -1.87 -31.23
C GLY C 170 7.89 -0.94 -32.30
N VAL C 171 7.74 -1.34 -33.56
CA VAL C 171 8.17 -0.52 -34.68
C VAL C 171 7.09 0.52 -34.95
N GLU C 172 5.88 0.06 -35.21
CA GLU C 172 4.75 0.94 -35.45
C GLU C 172 4.71 2.05 -34.40
N HIS C 173 4.98 1.71 -33.15
CA HIS C 173 4.98 2.69 -32.08
C HIS C 173 6.01 3.77 -32.33
N LEU C 174 7.20 3.38 -32.82
CA LEU C 174 8.25 4.35 -33.10
C LEU C 174 8.02 5.12 -34.38
N VAL C 175 7.37 4.49 -35.35
CA VAL C 175 7.10 5.16 -36.62
C VAL C 175 5.99 6.17 -36.43
N ALA C 176 4.96 5.78 -35.69
CA ALA C 176 3.83 6.64 -35.39
C ALA C 176 4.26 7.78 -34.50
N LEU C 177 5.40 7.64 -33.81
CA LEU C 177 5.90 8.71 -32.96
C LEU C 177 6.76 9.66 -33.78
N GLY C 178 6.93 9.34 -35.06
CA GLY C 178 7.71 10.18 -35.94
C GLY C 178 9.18 9.84 -36.03
N HIS C 179 9.62 8.79 -35.35
CA HIS C 179 11.02 8.44 -35.41
C HIS C 179 11.37 7.93 -36.79
N GLN C 180 12.66 8.00 -37.12
CA GLN C 180 13.21 7.55 -38.40
C GLN C 180 14.65 7.06 -38.30
N GLN C 181 15.45 7.64 -37.41
CA GLN C 181 16.83 7.15 -37.21
C GLN C 181 16.71 6.14 -36.07
N ILE C 182 16.45 4.88 -36.39
CA ILE C 182 16.27 3.86 -35.37
C ILE C 182 17.41 2.89 -35.25
N ALA C 183 17.93 2.71 -34.04
CA ALA C 183 19.02 1.77 -33.79
C ALA C 183 18.47 0.54 -33.09
N LEU C 184 19.02 -0.64 -33.40
CA LEU C 184 18.55 -1.90 -32.78
C LEU C 184 19.58 -2.55 -31.81
N LEU C 185 19.09 -3.11 -30.71
CA LEU C 185 19.95 -3.78 -29.73
C LEU C 185 19.33 -5.16 -29.51
N ALA C 186 19.92 -6.15 -30.18
CA ALA C 186 19.43 -7.51 -30.13
C ALA C 186 19.95 -8.30 -28.97
N GLY C 187 19.43 -9.50 -28.82
CA GLY C 187 19.90 -10.36 -27.76
C GLY C 187 20.90 -11.26 -28.43
N PRO C 188 21.41 -12.30 -27.76
CA PRO C 188 22.39 -13.22 -28.34
C PRO C 188 21.76 -13.93 -29.53
N LEU C 189 22.35 -13.79 -30.71
CA LEU C 189 21.82 -14.42 -31.92
C LEU C 189 21.89 -15.93 -31.93
N SER C 190 22.37 -16.53 -30.86
CA SER C 190 22.45 -17.97 -30.75
C SER C 190 21.02 -18.53 -30.56
N SER C 191 20.19 -17.75 -29.88
CA SER C 191 18.84 -18.18 -29.59
C SER C 191 17.85 -17.87 -30.67
N VAL C 192 16.91 -18.81 -30.90
CA VAL C 192 15.85 -18.64 -31.89
C VAL C 192 15.12 -17.36 -31.60
N SER C 193 14.62 -17.29 -30.36
CA SER C 193 13.85 -16.16 -29.84
C SER C 193 14.51 -14.81 -30.09
N ALA C 194 15.81 -14.69 -29.79
CA ALA C 194 16.48 -13.42 -30.03
C ALA C 194 16.50 -13.13 -31.51
N ARG C 195 16.88 -14.13 -32.30
CA ARG C 195 16.93 -14.04 -33.74
C ARG C 195 15.53 -13.86 -34.33
N LEU C 196 14.55 -14.40 -33.64
CA LEU C 196 13.16 -14.33 -34.05
C LEU C 196 12.75 -12.87 -33.85
N ARG C 197 13.27 -12.26 -32.79
CA ARG C 197 12.93 -10.89 -32.52
C ARG C 197 13.60 -9.97 -33.50
N LEU C 198 14.86 -10.22 -33.80
CA LEU C 198 15.60 -9.38 -34.73
C LEU C 198 15.09 -9.46 -36.18
N ALA C 199 14.35 -10.52 -36.49
CA ALA C 199 13.79 -10.72 -37.83
C ALA C 199 12.60 -9.79 -38.02
N GLY C 200 11.78 -9.66 -36.98
CA GLY C 200 10.63 -8.80 -37.02
C GLY C 200 11.06 -7.36 -37.19
N TRP C 201 11.89 -6.86 -36.30
CA TRP C 201 12.33 -5.49 -36.37
C TRP C 201 12.75 -5.19 -37.76
N HIS C 202 13.48 -6.13 -38.32
CA HIS C 202 13.98 -6.01 -39.68
C HIS C 202 12.89 -5.92 -40.75
N LYS C 203 11.85 -6.76 -40.62
CA LYS C 203 10.74 -6.79 -41.58
C LYS C 203 9.92 -5.52 -41.58
N TYR C 204 9.52 -5.07 -40.41
CA TYR C 204 8.72 -3.87 -40.31
C TYR C 204 9.41 -2.58 -40.63
N LEU C 205 10.70 -2.47 -40.33
CA LEU C 205 11.39 -1.25 -40.64
C LEU C 205 11.48 -1.07 -42.14
N THR C 206 11.65 -2.14 -42.91
CA THR C 206 11.73 -1.96 -44.38
C THR C 206 10.33 -1.72 -44.95
N ARG C 207 9.35 -2.41 -44.36
CA ARG C 207 7.96 -2.29 -44.75
C ARG C 207 7.38 -0.93 -44.38
N ASN C 208 8.15 -0.18 -43.59
CA ASN C 208 7.79 1.15 -43.19
C ASN C 208 8.92 2.00 -43.75
N GLN C 209 9.56 1.52 -44.83
CA GLN C 209 10.65 2.19 -45.52
C GLN C 209 11.80 2.81 -44.71
N ILE C 210 12.30 2.08 -43.72
CA ILE C 210 13.39 2.52 -42.84
C ILE C 210 14.30 1.34 -42.82
N GLN C 211 15.52 1.60 -42.38
CA GLN C 211 16.50 0.57 -42.25
C GLN C 211 17.25 1.06 -41.00
N PRO C 212 17.38 0.19 -39.97
CA PRO C 212 18.05 0.58 -38.74
C PRO C 212 19.37 1.23 -39.04
N ILE C 213 19.67 2.31 -38.32
CA ILE C 213 20.93 3.04 -38.50
C ILE C 213 22.10 2.35 -37.78
N ALA C 214 21.76 1.47 -36.83
CA ALA C 214 22.77 0.76 -36.08
C ALA C 214 22.18 -0.54 -35.65
N GLU C 215 23.03 -1.50 -35.37
CA GLU C 215 22.57 -2.81 -34.97
C GLU C 215 23.66 -3.46 -34.10
N ARG C 216 23.41 -3.54 -32.81
CA ARG C 216 24.37 -4.13 -31.91
C ARG C 216 23.80 -5.43 -31.37
N GLU C 217 24.53 -6.12 -30.52
CA GLU C 217 24.09 -7.42 -30.00
C GLU C 217 24.50 -7.64 -28.57
N GLY C 218 23.55 -7.57 -27.65
CA GLY C 218 23.87 -7.81 -26.27
C GLY C 218 23.74 -9.28 -25.91
N ASP C 219 23.49 -9.58 -24.65
CA ASP C 219 23.36 -10.97 -24.29
C ASP C 219 22.29 -11.18 -23.25
N TRP C 220 21.31 -10.29 -23.25
CA TRP C 220 20.20 -10.36 -22.30
C TRP C 220 20.49 -9.69 -20.94
N SER C 221 21.75 -9.46 -20.65
CA SER C 221 22.12 -8.87 -19.38
C SER C 221 22.08 -7.37 -19.48
N ALA C 222 22.14 -6.71 -18.32
CA ALA C 222 22.08 -5.27 -18.26
C ALA C 222 23.35 -4.70 -18.83
N MET C 223 24.47 -5.19 -18.30
CA MET C 223 25.79 -4.72 -18.72
C MET C 223 25.98 -4.71 -20.25
N SER C 224 25.35 -5.65 -20.94
CA SER C 224 25.47 -5.68 -22.37
C SER C 224 24.77 -4.46 -22.89
N GLY C 225 23.58 -4.20 -22.37
CA GLY C 225 22.83 -3.06 -22.82
C GLY C 225 23.64 -1.81 -22.62
N PHE C 226 24.33 -1.75 -21.50
CA PHE C 226 25.15 -0.59 -21.22
C PHE C 226 26.27 -0.47 -22.24
N GLN C 227 27.28 -1.33 -22.07
CA GLN C 227 28.47 -1.38 -22.94
C GLN C 227 28.12 -1.10 -24.36
N GLN C 228 27.37 -2.00 -24.96
CA GLN C 228 26.95 -1.89 -26.35
C GLN C 228 26.41 -0.52 -26.81
N THR C 229 25.58 0.12 -25.98
CA THR C 229 24.99 1.39 -26.34
C THR C 229 25.98 2.49 -26.29
N MET C 230 26.59 2.65 -25.12
CA MET C 230 27.55 3.71 -24.96
C MET C 230 28.73 3.52 -25.89
N GLN C 231 28.88 2.33 -26.45
CA GLN C 231 29.94 2.01 -27.45
C GLN C 231 29.51 2.66 -28.77
N MET C 232 28.28 2.37 -29.19
CA MET C 232 27.67 2.92 -30.39
C MET C 232 27.62 4.45 -30.22
N LEU C 233 27.29 4.89 -29.02
CA LEU C 233 27.22 6.32 -28.69
C LEU C 233 28.61 6.94 -28.81
N ASN C 234 29.64 6.15 -28.47
CA ASN C 234 31.03 6.61 -28.55
C ASN C 234 31.52 6.78 -29.99
N GLU C 235 30.96 6.00 -30.91
CA GLU C 235 31.29 6.12 -32.33
C GLU C 235 30.47 7.24 -32.97
N GLY C 236 29.83 8.04 -32.13
CA GLY C 236 29.07 9.14 -32.64
C GLY C 236 27.85 8.67 -33.39
N ILE C 237 27.39 7.45 -33.15
CA ILE C 237 26.16 7.06 -33.84
C ILE C 237 25.02 7.38 -32.88
N VAL C 238 24.33 8.46 -33.16
CA VAL C 238 23.26 8.87 -32.27
C VAL C 238 21.88 8.86 -32.93
N PRO C 239 21.00 8.04 -32.39
CA PRO C 239 19.64 7.86 -32.85
C PRO C 239 18.60 8.60 -32.02
N THR C 240 17.34 8.59 -32.46
CA THR C 240 16.26 9.22 -31.72
C THR C 240 15.46 8.11 -31.02
N ALA C 241 15.67 6.88 -31.45
CA ALA C 241 14.99 5.75 -30.83
C ALA C 241 15.80 4.47 -30.95
N MET C 242 15.77 3.70 -29.87
CA MET C 242 16.46 2.43 -29.76
C MET C 242 15.47 1.37 -29.36
N LEU C 243 15.42 0.30 -30.15
CA LEU C 243 14.59 -0.86 -29.87
C LEU C 243 15.55 -1.88 -29.23
N VAL C 244 15.18 -2.40 -28.06
CA VAL C 244 16.04 -3.34 -27.39
C VAL C 244 15.30 -4.65 -27.24
N ALA C 245 16.07 -5.74 -27.31
CA ALA C 245 15.55 -7.10 -27.24
C ALA C 245 14.95 -7.59 -25.94
N ASN C 246 15.22 -6.95 -24.82
CA ASN C 246 14.63 -7.38 -23.56
C ASN C 246 14.79 -6.27 -22.56
N ASP C 247 13.97 -6.28 -21.52
CA ASP C 247 13.99 -5.21 -20.53
C ASP C 247 15.30 -4.99 -19.84
N GLN C 248 15.95 -6.06 -19.44
CA GLN C 248 17.22 -5.95 -18.75
C GLN C 248 18.19 -5.14 -19.53
N MET C 249 18.39 -5.50 -20.80
CA MET C 249 19.29 -4.77 -21.66
C MET C 249 18.89 -3.31 -21.74
N ALA C 250 17.57 -3.05 -21.82
CA ALA C 250 17.04 -1.72 -21.87
C ALA C 250 17.48 -0.95 -20.63
N LEU C 251 17.49 -1.60 -19.46
CA LEU C 251 17.92 -0.94 -18.23
C LEU C 251 19.29 -0.40 -18.52
N GLY C 252 20.15 -1.31 -18.93
CA GLY C 252 21.52 -0.93 -19.23
C GLY C 252 21.67 0.19 -20.24
N ALA C 253 20.96 0.08 -21.36
CA ALA C 253 21.03 1.09 -22.40
C ALA C 253 20.70 2.45 -21.81
N MET C 254 19.66 2.45 -21.00
CA MET C 254 19.20 3.66 -20.37
C MET C 254 20.35 4.32 -19.66
N ARG C 255 21.07 3.56 -18.84
CA ARG C 255 22.21 4.14 -18.14
C ARG C 255 23.30 4.66 -19.05
N ALA C 256 23.58 3.96 -20.14
CA ALA C 256 24.62 4.37 -21.08
C ALA C 256 24.26 5.70 -21.66
N ILE C 257 23.01 5.75 -22.13
CA ILE C 257 22.41 6.94 -22.74
C ILE C 257 22.63 8.09 -21.79
N THR C 258 22.03 7.98 -20.61
CA THR C 258 22.13 8.99 -19.57
C THR C 258 23.57 9.37 -19.28
N GLU C 259 24.38 8.38 -18.94
CA GLU C 259 25.77 8.54 -18.63
C GLU C 259 26.51 9.32 -19.70
N SER C 260 26.10 9.18 -20.96
CA SER C 260 26.77 9.90 -22.03
C SER C 260 26.15 11.27 -22.35
N GLY C 261 25.31 11.77 -21.43
CA GLY C 261 24.69 13.09 -21.58
C GLY C 261 23.34 13.35 -22.28
N LEU C 262 22.48 12.34 -22.44
CA LEU C 262 21.20 12.52 -23.12
C LEU C 262 20.03 12.25 -22.24
N ARG C 263 18.92 12.92 -22.50
CA ARG C 263 17.73 12.71 -21.71
C ARG C 263 16.99 11.56 -22.33
N VAL C 264 17.04 10.41 -21.70
CA VAL C 264 16.35 9.23 -22.21
C VAL C 264 14.86 9.56 -22.35
N GLY C 265 14.34 9.42 -23.56
CA GLY C 265 12.94 9.72 -23.80
C GLY C 265 12.88 10.93 -24.70
N ALA C 266 13.19 12.09 -24.13
CA ALA C 266 13.20 13.35 -24.85
C ALA C 266 14.14 13.22 -26.03
N ASP C 267 15.40 12.94 -25.72
CA ASP C 267 16.41 12.76 -26.74
C ASP C 267 16.26 11.33 -27.33
N ILE C 268 16.94 10.31 -26.77
CA ILE C 268 16.82 8.91 -27.25
C ILE C 268 15.68 8.13 -26.58
N SER C 269 14.71 7.67 -27.35
CA SER C 269 13.59 6.93 -26.79
C SER C 269 13.93 5.44 -26.89
N VAL C 270 13.52 4.62 -25.93
CA VAL C 270 13.80 3.18 -25.98
C VAL C 270 12.56 2.34 -25.67
N VAL C 271 12.40 1.24 -26.42
CA VAL C 271 11.29 0.35 -26.19
C VAL C 271 11.98 -0.90 -25.61
N GLY C 272 11.24 -1.74 -24.90
CA GLY C 272 11.83 -2.95 -24.34
C GLY C 272 11.09 -4.16 -24.88
N TYR C 273 11.19 -5.28 -24.20
CA TYR C 273 10.52 -6.50 -24.63
C TYR C 273 10.57 -7.37 -23.39
N ASP C 274 9.41 -7.80 -22.91
CA ASP C 274 9.22 -8.65 -21.72
C ASP C 274 8.33 -8.08 -20.59
N ASP C 275 8.58 -6.82 -20.21
CA ASP C 275 7.88 -6.18 -19.09
C ASP C 275 7.92 -7.11 -17.90
N THR C 276 9.15 -7.39 -17.50
CA THR C 276 9.48 -8.22 -16.36
C THR C 276 9.10 -7.40 -15.12
N GLU C 277 9.19 -7.97 -13.94
CA GLU C 277 8.78 -7.23 -12.74
C GLU C 277 9.21 -5.79 -12.58
N ASP C 278 10.49 -5.57 -12.27
CA ASP C 278 11.03 -4.25 -12.02
C ASP C 278 10.77 -3.15 -13.01
N SER C 279 10.45 -3.48 -14.25
CA SER C 279 10.28 -2.46 -15.27
C SER C 279 9.42 -1.23 -14.94
N SER C 280 8.40 -1.41 -14.12
CA SER C 280 7.55 -0.31 -13.71
C SER C 280 8.36 0.76 -12.99
N CYS C 281 9.51 0.37 -12.43
CA CYS C 281 10.39 1.26 -11.66
C CYS C 281 11.72 1.76 -12.21
N TYR C 282 12.07 1.45 -13.45
CA TYR C 282 13.32 1.99 -14.02
C TYR C 282 12.95 3.45 -14.00
N ILE C 283 13.87 4.35 -13.68
CA ILE C 283 13.49 5.78 -13.60
C ILE C 283 12.49 6.17 -14.68
N PRO C 284 12.86 6.29 -15.99
CA PRO C 284 11.62 6.63 -16.67
C PRO C 284 11.09 5.21 -16.86
N PRO C 285 9.90 4.89 -16.34
CA PRO C 285 9.46 3.52 -16.58
C PRO C 285 9.40 3.35 -18.08
N LEU C 286 9.82 2.17 -18.53
CA LEU C 286 9.88 1.93 -19.95
C LEU C 286 8.71 1.32 -20.61
N THR C 287 8.52 1.78 -21.83
CA THR C 287 7.48 1.31 -22.72
C THR C 287 8.16 0.02 -23.16
N THR C 288 7.42 -1.07 -23.20
CA THR C 288 8.04 -2.32 -23.55
C THR C 288 6.97 -3.24 -24.06
N ILE C 289 7.40 -4.28 -24.75
CA ILE C 289 6.48 -5.27 -25.25
C ILE C 289 6.20 -6.21 -24.10
N LYS C 290 4.95 -6.27 -23.65
CA LYS C 290 4.56 -7.11 -22.53
C LYS C 290 4.29 -8.55 -22.95
N GLN C 291 4.90 -9.48 -22.26
CA GLN C 291 4.68 -10.88 -22.55
C GLN C 291 4.12 -11.41 -21.22
N ASP C 292 2.94 -11.98 -21.25
CA ASP C 292 2.43 -12.42 -19.98
C ASP C 292 2.96 -13.77 -19.57
N PHE C 293 3.98 -13.80 -18.72
CA PHE C 293 4.54 -15.07 -18.26
C PHE C 293 3.61 -15.88 -17.37
N ARG C 294 2.68 -15.19 -16.74
CA ARG C 294 1.71 -15.82 -15.86
C ARG C 294 0.76 -16.63 -16.73
N LEU C 295 0.43 -16.10 -17.89
CA LEU C 295 -0.48 -16.79 -18.79
C LEU C 295 0.29 -17.98 -19.32
N LEU C 296 1.47 -17.71 -19.88
CA LEU C 296 2.36 -18.74 -20.39
C LEU C 296 2.38 -19.89 -19.43
N GLY C 297 2.78 -19.59 -18.20
CA GLY C 297 2.85 -20.57 -17.14
C GLY C 297 1.59 -21.38 -17.00
N GLN C 298 0.45 -20.73 -16.86
CA GLN C 298 -0.83 -21.43 -16.73
C GLN C 298 -1.15 -22.36 -17.92
N THR C 299 -1.09 -21.86 -19.16
CA THR C 299 -1.36 -22.66 -20.36
C THR C 299 -0.44 -23.85 -20.36
N SER C 300 0.85 -23.58 -20.30
CA SER C 300 1.89 -24.60 -20.27
C SER C 300 1.40 -25.81 -19.50
N VAL C 301 1.06 -25.59 -18.24
CA VAL C 301 0.60 -26.67 -17.42
C VAL C 301 -0.67 -27.32 -17.98
N ASP C 302 -1.75 -26.53 -18.09
CA ASP C 302 -3.01 -27.07 -18.60
C ASP C 302 -2.75 -27.96 -19.82
N ARG C 303 -2.08 -27.42 -20.83
CA ARG C 303 -1.76 -28.17 -22.04
C ARG C 303 -1.00 -29.42 -21.69
N LEU C 304 0.13 -29.27 -21.02
CA LEU C 304 0.96 -30.42 -20.67
C LEU C 304 0.14 -31.52 -20.05
N LEU C 305 -0.77 -31.16 -19.16
CA LEU C 305 -1.61 -32.14 -18.46
C LEU C 305 -2.45 -32.94 -19.41
N GLN C 306 -3.37 -32.24 -20.05
CA GLN C 306 -4.29 -32.87 -20.96
C GLN C 306 -3.55 -33.54 -22.08
N LEU C 307 -2.50 -32.88 -22.53
CA LEU C 307 -1.67 -33.40 -23.59
C LEU C 307 -1.23 -34.76 -23.06
N SER C 308 -0.27 -34.72 -22.15
CA SER C 308 0.27 -35.94 -21.57
C SER C 308 -0.82 -36.94 -21.21
N GLN C 309 -2.02 -36.44 -20.89
CA GLN C 309 -3.09 -37.35 -20.51
C GLN C 309 -3.99 -37.85 -21.63
N GLY C 310 -3.33 -38.37 -22.65
CA GLY C 310 -4.02 -38.93 -23.81
C GLY C 310 -4.61 -37.89 -24.75
N GLN C 311 -5.48 -37.04 -24.18
CA GLN C 311 -6.17 -35.97 -24.90
C GLN C 311 -5.13 -35.11 -25.64
N ALA C 312 -4.65 -35.73 -26.72
CA ALA C 312 -3.65 -35.20 -27.60
C ALA C 312 -4.08 -33.85 -28.20
N VAL C 313 -3.32 -32.83 -27.83
CA VAL C 313 -3.51 -31.45 -28.29
C VAL C 313 -2.64 -31.31 -29.57
N LYS C 314 -1.32 -31.30 -29.37
CA LYS C 314 -0.31 -31.23 -30.45
C LYS C 314 -0.14 -29.93 -31.26
N GLY C 315 1.05 -29.78 -31.85
CA GLY C 315 1.34 -28.60 -32.66
C GLY C 315 1.92 -27.42 -31.91
N ASN C 316 1.68 -26.22 -32.44
CA ASN C 316 2.19 -24.98 -31.84
C ASN C 316 1.09 -23.95 -31.65
N GLN C 317 1.01 -23.37 -30.45
CA GLN C 317 0.02 -22.32 -30.20
C GLN C 317 0.74 -21.03 -29.76
N LEU C 318 0.46 -19.92 -30.47
CA LEU C 318 1.03 -18.60 -30.20
C LEU C 318 0.16 -17.81 -29.23
N LEU C 319 0.81 -17.20 -28.25
CA LEU C 319 0.18 -16.37 -27.24
C LEU C 319 0.35 -14.92 -27.67
N PRO C 320 -0.61 -14.04 -27.32
CA PRO C 320 -0.58 -12.63 -27.67
C PRO C 320 0.22 -11.80 -26.69
N VAL C 321 0.61 -10.64 -27.18
CA VAL C 321 1.38 -9.71 -26.38
C VAL C 321 0.70 -8.34 -26.45
N SER C 322 1.35 -7.30 -25.95
CA SER C 322 0.77 -5.97 -25.97
C SER C 322 1.85 -4.99 -25.71
N LEU C 323 1.65 -3.75 -26.14
CA LEU C 323 2.62 -2.68 -25.95
C LEU C 323 2.24 -1.89 -24.72
N VAL C 324 3.08 -1.94 -23.69
CA VAL C 324 2.82 -1.22 -22.47
C VAL C 324 3.49 0.12 -22.61
N LYS C 325 2.68 1.16 -22.78
CA LYS C 325 3.17 2.53 -22.91
C LYS C 325 3.54 3.12 -21.55
N ARG C 326 4.67 3.81 -21.48
CA ARG C 326 5.14 4.42 -20.24
C ARG C 326 5.98 5.67 -20.54
N LYS C 327 6.97 5.98 -19.68
CA LYS C 327 7.78 7.18 -19.83
C LYS C 327 8.98 7.22 -20.73
N THR C 328 9.42 6.08 -21.25
CA THR C 328 10.58 6.12 -22.13
C THR C 328 10.33 6.46 -23.63
N THR C 329 9.14 6.14 -24.17
CA THR C 329 8.84 6.46 -25.58
C THR C 329 8.15 7.81 -25.84
N LEU C 330 8.87 8.70 -26.50
CA LEU C 330 8.36 10.03 -26.80
C LEU C 330 8.56 10.38 -28.27
N ALA C 331 8.07 11.55 -28.63
CA ALA C 331 8.22 12.03 -30.00
C ALA C 331 9.68 12.45 -30.08
N PRO C 332 10.21 12.64 -31.30
CA PRO C 332 11.59 13.04 -31.50
C PRO C 332 11.84 14.43 -30.96
N ASN C 333 13.05 14.61 -30.43
CA ASN C 333 13.47 15.89 -29.86
C ASN C 333 13.49 16.98 -30.96
N THR C 334 13.89 16.57 -32.16
CA THR C 334 13.98 17.48 -33.31
C THR C 334 12.71 18.32 -33.49
N GLN C 335 11.53 17.72 -33.27
CA GLN C 335 10.26 18.44 -33.43
C GLN C 335 9.75 19.10 -32.15
N THR C 336 10.17 20.35 -31.95
CA THR C 336 9.77 21.18 -30.79
C THR C 336 10.16 20.75 -29.33
N ALA C 337 10.60 19.48 -29.16
CA ALA C 337 10.97 18.87 -27.85
C ALA C 337 9.78 19.07 -26.87
N SER C 338 8.66 19.40 -27.52
CA SER C 338 7.37 19.65 -26.93
C SER C 338 6.45 18.39 -26.98
N PRO C 339 6.92 17.19 -27.47
CA PRO C 339 6.00 16.03 -27.47
C PRO C 339 5.14 16.10 -26.20
N ARG C 340 5.85 16.26 -25.09
CA ARG C 340 5.24 16.42 -23.77
C ARG C 340 6.02 17.44 -22.98
N ALA C 341 7.20 16.99 -22.55
CA ALA C 341 8.13 17.76 -21.70
C ALA C 341 7.21 18.42 -20.65
N LEU C 342 6.79 19.62 -21.02
CA LEU C 342 5.93 20.54 -20.30
C LEU C 342 5.01 20.00 -19.17
N ALA C 343 4.04 19.11 -19.45
CA ALA C 343 3.18 18.62 -18.37
C ALA C 343 3.97 17.88 -17.29
N ASP C 344 4.91 17.03 -17.73
CA ASP C 344 5.75 16.27 -16.80
C ASP C 344 6.68 17.26 -16.07
N SER C 345 7.25 18.19 -16.84
CA SER C 345 8.13 19.21 -16.31
C SER C 345 7.38 20.10 -15.31
N LEU C 346 6.40 20.86 -15.82
CA LEU C 346 5.60 21.76 -14.97
C LEU C 346 5.36 21.14 -13.60
N MET C 347 4.78 19.93 -13.59
CA MET C 347 4.48 19.24 -12.33
C MET C 347 5.61 19.04 -11.32
N GLN C 348 6.75 18.47 -11.70
CA GLN C 348 7.79 18.30 -10.68
C GLN C 348 8.56 19.58 -10.26
N LEU C 349 8.45 20.64 -11.07
CA LEU C 349 9.04 21.92 -10.74
C LEU C 349 8.20 22.42 -9.58
N ALA C 350 6.88 22.18 -9.68
CA ALA C 350 5.85 22.54 -8.65
C ALA C 350 6.18 22.01 -7.25
N ARG C 351 6.75 20.80 -7.22
CA ARG C 351 7.18 20.10 -6.00
C ARG C 351 8.43 20.74 -5.37
N GLN C 352 9.27 21.41 -6.17
CA GLN C 352 10.48 22.14 -5.69
C GLN C 352 10.05 23.55 -5.31
N VAL C 353 8.90 23.96 -5.85
CA VAL C 353 8.24 25.25 -5.57
C VAL C 353 7.42 25.09 -4.23
N SER C 354 7.24 23.84 -3.78
CA SER C 354 6.59 23.53 -2.50
C SER C 354 7.68 22.82 -1.70
N ARG C 355 8.80 23.49 -1.46
CA ARG C 355 9.90 22.83 -0.76
C ARG C 355 10.75 23.90 -0.09
N LEU C 356 10.64 25.12 -0.58
CA LEU C 356 11.41 26.22 0.00
C LEU C 356 10.50 27.24 0.75
N GLU C 357 9.21 26.89 0.90
CA GLU C 357 8.22 27.77 1.55
C GLU C 357 7.21 27.01 2.41
N LEU D 62 25.34 -38.51 -6.07
CA LEU D 62 25.52 -37.30 -5.19
C LEU D 62 24.54 -36.30 -5.77
N LEU D 63 23.33 -36.28 -5.21
CA LEU D 63 22.28 -35.38 -5.68
C LEU D 63 21.93 -34.40 -4.58
N ILE D 64 21.82 -33.14 -4.93
CA ILE D 64 21.52 -32.11 -3.97
C ILE D 64 20.12 -31.58 -4.19
N GLY D 65 19.26 -31.63 -3.18
CA GLY D 65 17.93 -31.10 -3.34
C GLY D 65 18.01 -29.67 -2.86
N VAL D 66 17.41 -28.74 -3.58
CA VAL D 66 17.43 -27.34 -3.16
C VAL D 66 16.03 -26.78 -2.92
N ALA D 67 15.61 -26.63 -1.66
CA ALA D 67 14.30 -26.06 -1.36
C ALA D 67 14.47 -24.53 -1.30
N THR D 68 14.05 -23.84 -2.37
CA THR D 68 14.21 -22.38 -2.48
C THR D 68 12.95 -21.53 -2.29
N SER D 69 13.17 -20.24 -2.10
CA SER D 69 12.09 -19.25 -1.89
C SER D 69 11.39 -18.92 -3.19
N SER D 70 10.88 -17.71 -3.28
CA SER D 70 10.22 -17.32 -4.51
C SER D 70 11.39 -16.99 -5.38
N LEU D 71 11.36 -17.53 -6.59
CA LEU D 71 12.42 -17.29 -7.56
C LEU D 71 12.15 -16.02 -8.33
N ALA D 72 11.09 -15.32 -7.96
CA ALA D 72 10.77 -14.09 -8.65
C ALA D 72 11.81 -13.09 -8.24
N LEU D 73 12.21 -13.15 -6.97
CA LEU D 73 13.20 -12.26 -6.38
C LEU D 73 14.59 -12.57 -6.94
N HIS D 74 15.43 -11.56 -7.09
CA HIS D 74 16.76 -11.80 -7.68
C HIS D 74 17.73 -12.61 -6.87
N ALA D 75 17.80 -12.38 -5.56
CA ALA D 75 18.74 -13.13 -4.77
C ALA D 75 18.56 -14.64 -4.76
N PRO D 76 17.35 -15.16 -4.40
CA PRO D 76 17.19 -16.62 -4.40
C PRO D 76 17.54 -17.32 -5.72
N SER D 77 17.44 -16.55 -6.81
CA SER D 77 17.72 -17.05 -8.15
C SER D 77 19.18 -16.98 -8.48
N GLN D 78 19.87 -15.99 -7.89
CA GLN D 78 21.32 -15.83 -8.09
C GLN D 78 22.08 -16.88 -7.28
N ILE D 79 21.44 -17.33 -6.20
CA ILE D 79 21.99 -18.34 -5.34
C ILE D 79 21.78 -19.70 -5.96
N VAL D 80 20.62 -19.95 -6.56
CA VAL D 80 20.41 -21.25 -7.18
C VAL D 80 21.44 -21.38 -8.27
N ALA D 81 21.57 -20.32 -9.07
CA ALA D 81 22.52 -20.31 -10.17
C ALA D 81 23.91 -20.70 -9.68
N ALA D 82 24.34 -20.12 -8.57
CA ALA D 82 25.62 -20.46 -8.00
C ALA D 82 25.55 -21.89 -7.49
N ILE D 83 24.51 -22.23 -6.73
CA ILE D 83 24.34 -23.58 -6.17
C ILE D 83 24.57 -24.62 -7.24
N LYS D 84 23.99 -24.38 -8.43
CA LYS D 84 24.19 -25.30 -9.54
C LYS D 84 25.61 -25.15 -10.06
N SER D 85 25.98 -23.93 -10.43
CA SER D 85 27.29 -23.64 -10.95
C SER D 85 28.40 -24.35 -10.16
N ARG D 86 28.20 -24.48 -8.85
CA ARG D 86 29.16 -25.14 -7.97
C ARG D 86 29.03 -26.64 -8.13
N ALA D 87 27.82 -27.15 -7.93
CA ALA D 87 27.54 -28.57 -8.04
C ALA D 87 27.91 -29.10 -9.40
N ASP D 88 27.95 -28.19 -10.37
CA ASP D 88 28.29 -28.45 -11.76
C ASP D 88 29.75 -28.88 -11.90
N GLN D 89 30.61 -28.31 -11.05
CA GLN D 89 32.05 -28.55 -11.02
C GLN D 89 32.44 -29.89 -10.43
N LEU D 90 31.73 -30.30 -9.39
CA LEU D 90 31.99 -31.55 -8.71
C LEU D 90 31.34 -32.75 -9.40
N GLY D 91 30.57 -32.51 -10.44
CA GLY D 91 29.89 -33.62 -11.08
C GLY D 91 28.75 -34.01 -10.16
N ALA D 92 27.93 -33.02 -9.77
CA ALA D 92 26.77 -33.23 -8.89
C ALA D 92 25.46 -32.68 -9.50
N SER D 93 24.32 -33.24 -9.06
CA SER D 93 23.05 -32.77 -9.59
C SER D 93 22.26 -31.90 -8.60
N VAL D 94 21.68 -30.85 -9.13
CA VAL D 94 20.94 -29.93 -8.33
C VAL D 94 19.54 -29.92 -8.86
N VAL D 95 18.62 -30.37 -8.01
CA VAL D 95 17.19 -30.43 -8.31
C VAL D 95 16.43 -29.38 -7.45
N VAL D 96 16.02 -28.30 -8.09
CA VAL D 96 15.31 -27.21 -7.42
C VAL D 96 13.83 -27.46 -7.09
N SER D 97 13.45 -27.23 -5.83
CA SER D 97 12.06 -27.37 -5.42
C SER D 97 11.63 -26.04 -4.79
N MET D 98 10.36 -25.69 -4.86
CA MET D 98 9.94 -24.40 -4.31
C MET D 98 8.97 -24.31 -3.13
N VAL D 99 8.97 -23.14 -2.50
CA VAL D 99 8.11 -22.83 -1.37
C VAL D 99 7.47 -21.48 -1.72
N GLU D 100 6.22 -21.32 -1.33
CA GLU D 100 5.45 -20.11 -1.61
C GLU D 100 5.86 -19.03 -0.59
N ARG D 101 5.00 -18.82 0.42
CA ARG D 101 5.29 -17.85 1.50
C ARG D 101 4.46 -18.27 2.74
N SER D 102 3.99 -19.52 2.66
CA SER D 102 3.21 -20.15 3.69
C SER D 102 4.01 -20.31 4.99
N GLY D 103 5.13 -21.05 4.97
CA GLY D 103 5.93 -21.20 6.18
C GLY D 103 5.83 -22.52 6.95
N VAL D 104 6.98 -23.16 7.12
CA VAL D 104 7.11 -24.47 7.79
C VAL D 104 6.40 -25.59 7.00
N GLU D 105 5.07 -25.55 6.90
CA GLU D 105 4.36 -26.59 6.17
C GLU D 105 4.72 -26.55 4.69
N ALA D 106 4.73 -25.35 4.12
CA ALA D 106 5.11 -25.15 2.71
C ALA D 106 6.58 -25.59 2.51
N CYS D 107 7.44 -25.23 3.47
CA CYS D 107 8.87 -25.57 3.46
C CYS D 107 9.13 -27.07 3.73
N LYS D 108 8.18 -27.70 4.42
CA LYS D 108 8.25 -29.12 4.75
C LYS D 108 7.85 -29.98 3.55
N THR D 109 6.74 -29.65 2.89
CA THR D 109 6.32 -30.41 1.71
C THR D 109 7.46 -30.31 0.71
N ALA D 110 7.98 -29.11 0.58
CA ALA D 110 9.08 -28.83 -0.31
C ALA D 110 10.17 -29.85 -0.01
N VAL D 111 10.37 -30.13 1.29
CA VAL D 111 11.38 -31.08 1.80
C VAL D 111 11.03 -32.57 1.60
N HIS D 112 9.75 -32.92 1.73
CA HIS D 112 9.29 -34.32 1.53
C HIS D 112 9.34 -34.70 0.05
N ASN D 113 9.03 -33.71 -0.77
CA ASN D 113 9.06 -33.83 -2.22
C ASN D 113 10.48 -34.24 -2.60
N LEU D 114 11.45 -33.39 -2.27
CA LEU D 114 12.85 -33.64 -2.55
C LEU D 114 13.37 -34.97 -1.97
N LEU D 115 12.94 -35.30 -0.75
CA LEU D 115 13.35 -36.53 -0.09
C LEU D 115 13.00 -37.72 -0.97
N ALA D 116 11.85 -37.59 -1.65
CA ALA D 116 11.33 -38.61 -2.57
C ALA D 116 12.30 -38.92 -3.72
N GLN D 117 12.75 -37.87 -4.39
CA GLN D 117 13.69 -38.04 -5.47
C GLN D 117 15.06 -38.53 -5.03
N ARG D 118 15.14 -39.07 -3.82
CA ARG D 118 16.41 -39.60 -3.30
C ARG D 118 17.52 -38.52 -3.20
N VAL D 119 17.16 -37.28 -2.92
CA VAL D 119 18.18 -36.26 -2.79
C VAL D 119 19.08 -36.72 -1.65
N SER D 120 20.36 -36.42 -1.80
CA SER D 120 21.37 -36.79 -0.80
C SER D 120 21.69 -35.58 0.07
N GLY D 121 21.34 -34.40 -0.41
CA GLY D 121 21.58 -33.21 0.35
C GLY D 121 20.30 -32.42 0.37
N LEU D 122 20.28 -31.35 1.17
CA LEU D 122 19.15 -30.45 1.27
C LEU D 122 19.61 -29.08 1.65
N ILE D 123 19.49 -28.16 0.69
CA ILE D 123 19.84 -26.78 0.95
C ILE D 123 18.51 -26.01 1.01
N ILE D 124 18.20 -25.53 2.21
CA ILE D 124 16.97 -24.81 2.47
C ILE D 124 17.27 -23.34 2.46
N ASN D 125 16.94 -22.67 1.37
CA ASN D 125 17.14 -21.22 1.25
C ASN D 125 15.73 -20.69 1.38
N TYR D 126 15.29 -20.56 2.62
CA TYR D 126 13.94 -20.12 2.90
C TYR D 126 13.86 -19.63 4.33
N PRO D 127 13.16 -18.52 4.59
CA PRO D 127 12.99 -17.93 5.92
C PRO D 127 12.33 -18.83 6.97
N LEU D 128 13.10 -19.25 7.96
CA LEU D 128 12.53 -20.09 8.99
C LEU D 128 12.83 -19.47 10.33
N ASP D 129 11.82 -19.48 11.21
CA ASP D 129 11.97 -18.91 12.56
C ASP D 129 12.66 -19.97 13.38
N ASP D 130 13.58 -19.53 14.25
CA ASP D 130 14.37 -20.41 15.14
C ASP D 130 13.82 -21.82 15.39
N GLN D 131 12.63 -21.93 15.96
CA GLN D 131 12.07 -23.24 16.21
C GLN D 131 11.52 -23.85 14.94
N ASP D 132 11.11 -23.02 14.00
CA ASP D 132 10.60 -23.50 12.70
C ASP D 132 11.77 -24.14 11.89
N ALA D 133 12.99 -23.62 12.05
CA ALA D 133 14.17 -24.17 11.36
C ALA D 133 14.38 -25.54 11.93
N ILE D 134 14.42 -25.60 13.26
CA ILE D 134 14.58 -26.83 14.03
C ILE D 134 13.55 -27.89 13.63
N ALA D 135 12.33 -27.50 13.29
CA ALA D 135 11.34 -28.48 12.86
C ALA D 135 11.71 -29.01 11.49
N VAL D 136 11.89 -28.09 10.54
CA VAL D 136 12.24 -28.42 9.17
C VAL D 136 13.50 -29.28 9.08
N GLU D 137 14.43 -29.14 10.04
CA GLU D 137 15.65 -29.98 10.07
C GLU D 137 15.26 -31.45 10.30
N ALA D 138 14.45 -31.66 11.34
CA ALA D 138 13.93 -32.98 11.72
C ALA D 138 13.16 -33.49 10.50
N ALA D 139 12.32 -32.62 9.94
CA ALA D 139 11.53 -32.90 8.75
C ALA D 139 12.53 -33.37 7.70
N CYS D 140 13.62 -32.61 7.60
CA CYS D 140 14.69 -32.88 6.68
C CYS D 140 15.16 -34.31 6.86
N THR D 141 15.02 -34.83 8.07
CA THR D 141 15.37 -36.22 8.44
C THR D 141 16.88 -36.50 8.69
N ASN D 142 17.46 -37.50 8.03
CA ASN D 142 18.90 -37.80 8.22
C ASN D 142 19.71 -37.16 7.11
N VAL D 143 19.06 -37.03 5.95
CA VAL D 143 19.72 -36.39 4.85
C VAL D 143 20.20 -35.04 5.36
N PRO D 144 21.52 -34.86 5.41
CA PRO D 144 22.16 -33.63 5.86
C PRO D 144 21.56 -32.39 5.19
N ALA D 145 21.36 -31.33 5.98
CA ALA D 145 20.78 -30.10 5.49
C ALA D 145 21.60 -28.89 5.86
N LEU D 146 21.71 -27.98 4.91
CA LEU D 146 22.43 -26.76 5.14
C LEU D 146 21.32 -25.75 5.05
N PHE D 147 21.32 -24.76 5.93
CA PHE D 147 20.31 -23.73 5.87
C PHE D 147 20.97 -22.44 5.45
N LEU D 148 20.35 -21.70 4.55
CA LEU D 148 20.94 -20.44 4.10
C LEU D 148 20.35 -19.20 4.71
N ASP D 149 19.07 -19.28 5.07
CA ASP D 149 18.35 -18.17 5.68
C ASP D 149 17.96 -18.54 7.12
N VAL D 150 18.71 -18.06 8.10
CA VAL D 150 18.44 -18.38 9.49
C VAL D 150 19.19 -17.42 10.40
N SER D 151 19.09 -17.60 11.70
CA SER D 151 19.81 -16.78 12.68
C SER D 151 21.04 -17.56 13.09
N ASP D 152 22.13 -16.85 13.33
CA ASP D 152 23.38 -17.49 13.74
C ASP D 152 23.31 -18.29 15.05
N GLN D 153 22.23 -18.11 15.82
CA GLN D 153 22.09 -18.85 17.05
C GLN D 153 20.97 -19.89 17.09
N THR D 154 20.41 -20.19 15.92
CA THR D 154 19.39 -21.24 15.85
C THR D 154 20.32 -22.43 15.67
N PRO D 155 20.14 -23.49 16.49
CA PRO D 155 20.91 -24.76 16.54
C PRO D 155 20.88 -25.83 15.42
N ILE D 156 21.49 -25.50 14.26
CA ILE D 156 21.59 -26.36 13.05
C ILE D 156 22.81 -25.90 12.25
N ASN D 157 23.10 -26.61 11.15
CA ASN D 157 24.25 -26.29 10.30
C ASN D 157 23.73 -25.33 9.31
N SER D 158 24.28 -24.11 9.31
CA SER D 158 23.79 -23.09 8.42
C SER D 158 24.85 -22.07 8.11
N ILE D 159 24.80 -21.50 6.90
CA ILE D 159 25.72 -20.43 6.47
C ILE D 159 24.93 -19.14 6.19
N ILE D 160 25.22 -18.09 6.94
CA ILE D 160 24.53 -16.81 6.77
C ILE D 160 25.54 -15.67 6.64
N PHE D 161 25.23 -14.69 5.81
CA PHE D 161 26.11 -13.56 5.67
C PHE D 161 26.06 -12.83 6.99
N SER D 162 27.03 -11.97 7.22
CA SER D 162 27.07 -11.23 8.46
C SER D 162 26.04 -10.14 8.49
N HIS D 163 25.00 -10.36 9.27
CA HIS D 163 23.97 -9.36 9.39
C HIS D 163 24.56 -8.29 10.23
N GLU D 164 25.51 -8.67 11.07
CA GLU D 164 26.16 -7.71 11.95
C GLU D 164 27.00 -6.69 11.20
N ASP D 165 27.78 -7.11 10.21
CA ASP D 165 28.60 -6.17 9.47
C ASP D 165 27.88 -5.45 8.34
N GLY D 166 26.88 -6.12 7.76
CA GLY D 166 26.10 -5.53 6.69
C GLY D 166 25.38 -4.27 7.13
N THR D 167 24.90 -4.29 8.36
CA THR D 167 24.20 -3.13 8.90
C THR D 167 25.18 -2.10 9.46
N ARG D 168 26.30 -2.59 9.98
CA ARG D 168 27.33 -1.75 10.56
C ARG D 168 27.87 -0.84 9.47
N LEU D 169 28.23 -1.43 8.34
CA LEU D 169 28.77 -0.69 7.19
C LEU D 169 27.79 0.33 6.63
N GLY D 170 26.51 -0.03 6.62
CA GLY D 170 25.51 0.87 6.12
C GLY D 170 25.54 2.09 6.98
N VAL D 171 25.35 1.88 8.29
CA VAL D 171 25.32 2.93 9.29
C VAL D 171 26.55 3.81 9.26
N GLU D 172 27.70 3.27 9.64
CA GLU D 172 28.96 4.02 9.69
C GLU D 172 29.27 4.84 8.46
N HIS D 173 28.73 4.40 7.33
CA HIS D 173 28.97 5.06 6.06
C HIS D 173 28.23 6.39 6.00
N LEU D 174 26.99 6.38 6.46
CA LEU D 174 26.16 7.55 6.46
C LEU D 174 26.61 8.48 7.57
N VAL D 175 26.77 7.95 8.77
CA VAL D 175 27.21 8.69 9.95
C VAL D 175 28.47 9.50 9.66
N ALA D 176 29.48 8.83 9.13
CA ALA D 176 30.76 9.43 8.78
C ALA D 176 30.64 10.39 7.60
N LEU D 177 29.65 10.14 6.76
CA LEU D 177 29.38 10.98 5.57
C LEU D 177 28.69 12.26 6.09
N GLY D 178 28.29 12.21 7.36
CA GLY D 178 27.65 13.35 8.00
C GLY D 178 26.14 13.30 7.99
N HIS D 179 25.60 12.09 7.91
CA HIS D 179 24.17 11.95 7.88
C HIS D 179 23.59 11.83 9.26
N GLN D 180 22.60 12.68 9.50
CA GLN D 180 21.89 12.73 10.77
C GLN D 180 20.52 12.11 10.60
N GLN D 181 19.78 12.63 9.62
CA GLN D 181 18.44 12.15 9.35
C GLN D 181 18.41 11.06 8.31
N ILE D 182 18.23 9.86 8.79
CA ILE D 182 18.20 8.69 7.96
C ILE D 182 16.82 8.05 8.16
N ALA D 183 16.28 7.45 7.12
CA ALA D 183 15.01 6.77 7.22
C ALA D 183 15.30 5.27 7.08
N LEU D 184 14.43 4.41 7.56
CA LEU D 184 14.69 2.98 7.44
C LEU D 184 13.65 2.25 6.56
N LEU D 185 14.03 1.79 5.37
CA LEU D 185 13.09 1.01 4.57
C LEU D 185 13.47 -0.42 4.83
N ALA D 186 12.78 -1.05 5.76
CA ALA D 186 13.02 -2.44 6.14
C ALA D 186 12.31 -3.40 5.18
N GLY D 187 12.66 -4.69 5.24
CA GLY D 187 12.00 -5.69 4.41
C GLY D 187 10.84 -6.31 5.19
N PRO D 188 10.14 -7.32 4.66
CA PRO D 188 9.02 -7.93 5.38
C PRO D 188 9.46 -8.47 6.72
N LEU D 189 9.00 -7.87 7.80
CA LEU D 189 9.40 -8.30 9.12
C LEU D 189 9.08 -9.76 9.50
N SER D 190 8.64 -10.54 8.53
CA SER D 190 8.38 -11.96 8.75
C SER D 190 9.52 -12.79 8.13
N SER D 191 10.62 -12.11 7.80
CA SER D 191 11.79 -12.74 7.21
C SER D 191 13.03 -12.36 8.02
N VAL D 192 13.51 -13.35 8.79
CA VAL D 192 14.70 -13.25 9.65
C VAL D 192 15.81 -12.38 9.04
N SER D 193 15.99 -12.52 7.73
CA SER D 193 16.97 -11.74 7.01
C SER D 193 16.62 -10.31 7.36
N ALA D 194 15.42 -9.89 6.96
CA ALA D 194 14.93 -8.52 7.18
C ALA D 194 14.95 -8.03 8.61
N ARG D 195 14.65 -8.92 9.53
CA ARG D 195 14.62 -8.62 10.96
C ARG D 195 15.98 -8.32 11.57
N LEU D 196 16.88 -9.28 11.48
CA LEU D 196 18.21 -9.13 12.05
C LEU D 196 18.88 -7.94 11.41
N ARG D 197 18.41 -7.61 10.22
CA ARG D 197 18.91 -6.51 9.43
C ARG D 197 18.30 -5.17 9.88
N LEU D 198 17.12 -5.19 10.50
CA LEU D 198 16.51 -3.94 11.00
C LEU D 198 17.18 -3.67 12.34
N ALA D 199 17.16 -4.69 13.19
CA ALA D 199 17.76 -4.65 14.52
C ALA D 199 19.20 -4.16 14.41
N GLY D 200 19.98 -4.77 13.51
CA GLY D 200 21.37 -4.40 13.28
C GLY D 200 21.51 -2.90 13.04
N TRP D 201 20.71 -2.36 12.12
CA TRP D 201 20.76 -0.93 11.84
C TRP D 201 20.46 -0.10 13.06
N HIS D 202 19.52 -0.54 13.87
CA HIS D 202 19.21 0.22 15.07
C HIS D 202 20.47 0.31 15.94
N LYS D 203 21.00 -0.84 16.33
CA LYS D 203 22.19 -0.95 17.16
C LYS D 203 23.27 0.05 16.77
N TYR D 204 23.64 0.05 15.52
CA TYR D 204 24.69 0.93 15.05
C TYR D 204 24.33 2.39 15.00
N LEU D 205 23.07 2.65 14.72
CA LEU D 205 22.62 4.03 14.67
C LEU D 205 22.59 4.50 16.14
N THR D 206 21.98 3.70 17.00
CA THR D 206 21.88 4.01 18.42
C THR D 206 23.30 4.16 18.93
N ARG D 207 24.18 3.26 18.53
CA ARG D 207 25.59 3.32 18.95
C ARG D 207 26.16 4.64 18.49
N ASN D 208 25.60 5.18 17.42
CA ASN D 208 26.09 6.43 16.88
C ASN D 208 25.37 7.71 17.26
N GLN D 209 24.44 7.60 18.20
CA GLN D 209 23.68 8.78 18.68
C GLN D 209 22.50 9.27 17.83
N ILE D 210 22.17 8.52 16.79
CA ILE D 210 21.10 8.92 15.88
C ILE D 210 19.94 7.96 15.91
N GLN D 211 18.75 8.47 15.56
CA GLN D 211 17.56 7.64 15.53
C GLN D 211 16.81 7.91 14.21
N PRO D 212 16.26 6.85 13.61
CA PRO D 212 15.51 6.92 12.36
C PRO D 212 14.33 7.89 12.31
N ILE D 213 14.41 8.89 11.44
CA ILE D 213 13.36 9.87 11.29
C ILE D 213 12.15 9.21 10.65
N ALA D 214 12.29 7.92 10.35
CA ALA D 214 11.24 7.10 9.73
C ALA D 214 11.72 5.64 9.67
N GLU D 215 10.75 4.74 9.57
CA GLU D 215 11.02 3.31 9.54
C GLU D 215 9.79 2.66 8.85
N ARG D 216 9.96 2.29 7.58
CA ARG D 216 8.90 1.68 6.75
C ARG D 216 9.14 0.19 6.57
N GLU D 217 8.16 -0.49 6.01
CA GLU D 217 8.25 -1.91 5.76
C GLU D 217 7.82 -2.25 4.35
N GLY D 218 8.64 -3.02 3.67
CA GLY D 218 8.33 -3.38 2.31
C GLY D 218 8.14 -4.87 2.23
N ASP D 219 8.39 -5.40 1.03
CA ASP D 219 8.23 -6.81 0.85
C ASP D 219 9.20 -7.39 -0.14
N TRP D 220 10.33 -6.71 -0.32
CA TRP D 220 11.36 -7.17 -1.24
C TRP D 220 11.16 -6.76 -2.72
N SER D 221 9.97 -6.31 -3.12
CA SER D 221 9.80 -5.96 -4.53
C SER D 221 10.21 -4.54 -4.84
N ALA D 222 10.57 -4.28 -6.10
CA ALA D 222 10.99 -2.95 -6.52
C ALA D 222 9.84 -1.95 -6.35
N MET D 223 8.64 -2.49 -6.15
CA MET D 223 7.46 -1.66 -5.97
C MET D 223 7.16 -1.28 -4.52
N SER D 224 7.42 -2.17 -3.55
CA SER D 224 7.15 -1.77 -2.17
C SER D 224 8.08 -0.64 -1.77
N GLY D 225 9.19 -0.52 -2.50
CA GLY D 225 10.15 0.52 -2.23
C GLY D 225 9.55 1.84 -2.67
N PHE D 226 8.86 1.78 -3.80
CA PHE D 226 8.20 2.95 -4.37
C PHE D 226 7.05 3.48 -3.50
N GLN D 227 6.17 2.59 -3.08
CA GLN D 227 5.06 3.00 -2.26
C GLN D 227 5.48 3.52 -0.89
N GLN D 228 6.41 2.86 -0.19
CA GLN D 228 6.82 3.33 1.13
C GLN D 228 7.65 4.59 1.11
N THR D 229 8.17 4.96 -0.06
CA THR D 229 8.91 6.20 -0.21
C THR D 229 7.93 7.29 -0.71
N MET D 230 6.81 6.88 -1.34
CA MET D 230 5.73 7.80 -1.80
C MET D 230 5.13 8.18 -0.45
N GLN D 231 4.87 7.16 0.34
CA GLN D 231 4.27 7.30 1.63
C GLN D 231 5.12 8.13 2.54
N MET D 232 6.17 7.55 3.10
CA MET D 232 7.04 8.26 4.02
C MET D 232 7.38 9.69 3.60
N LEU D 233 7.36 9.97 2.30
CA LEU D 233 7.64 11.31 1.76
C LEU D 233 6.44 12.26 1.64
N ASN D 234 5.28 11.69 1.29
CA ASN D 234 4.05 12.47 1.13
C ASN D 234 3.56 12.91 2.50
N GLU D 235 3.82 12.08 3.49
CA GLU D 235 3.47 12.34 4.87
C GLU D 235 4.64 13.14 5.50
N GLY D 236 5.28 14.00 4.70
CA GLY D 236 6.33 14.89 5.19
C GLY D 236 7.74 14.54 5.63
N ILE D 237 8.10 13.27 5.78
CA ILE D 237 9.48 12.96 6.20
C ILE D 237 10.38 13.07 4.99
N VAL D 238 11.48 13.79 5.13
CA VAL D 238 12.39 13.89 4.02
C VAL D 238 13.81 13.69 4.51
N PRO D 239 14.20 12.43 4.73
CA PRO D 239 15.54 12.14 5.20
C PRO D 239 16.57 12.58 4.17
N THR D 240 17.80 12.26 4.48
CA THR D 240 18.90 12.60 3.63
C THR D 240 19.67 11.30 3.36
N ALA D 241 19.17 10.20 3.86
CA ALA D 241 19.83 8.94 3.68
C ALA D 241 18.78 7.95 4.02
N MET D 242 18.81 6.81 3.37
CA MET D 242 17.85 5.81 3.70
C MET D 242 18.64 4.55 3.72
N LEU D 243 18.36 3.66 4.65
CA LEU D 243 19.06 2.42 4.63
C LEU D 243 18.00 1.49 4.14
N VAL D 244 18.15 1.00 2.91
CA VAL D 244 17.20 0.07 2.31
C VAL D 244 17.69 -1.36 2.54
N ALA D 245 16.76 -2.23 2.90
CA ALA D 245 17.04 -3.62 3.20
C ALA D 245 17.15 -4.60 2.02
N ASN D 246 17.54 -4.13 0.84
CA ASN D 246 17.61 -4.99 -0.33
C ASN D 246 17.71 -4.08 -1.56
N ASP D 247 18.40 -4.52 -2.60
CA ASP D 247 18.59 -3.69 -3.79
C ASP D 247 17.41 -3.46 -4.73
N GLN D 248 16.43 -4.36 -4.72
CA GLN D 248 15.24 -4.18 -5.56
C GLN D 248 14.38 -3.06 -5.00
N MET D 249 14.13 -3.09 -3.68
CA MET D 249 13.36 -2.04 -3.04
C MET D 249 14.02 -0.68 -3.23
N ALA D 250 15.27 -0.64 -3.66
CA ALA D 250 16.00 0.61 -3.89
C ALA D 250 15.62 1.26 -5.22
N LEU D 251 15.23 0.44 -6.18
CA LEU D 251 14.86 0.96 -7.50
C LEU D 251 13.58 1.78 -7.38
N GLY D 252 12.76 1.40 -6.40
CA GLY D 252 11.52 2.08 -6.17
C GLY D 252 11.75 3.35 -5.40
N ALA D 253 12.49 3.26 -4.29
CA ALA D 253 12.78 4.44 -3.48
C ALA D 253 13.52 5.41 -4.39
N MET D 254 14.47 4.87 -5.14
CA MET D 254 15.24 5.67 -6.06
C MET D 254 14.26 6.34 -7.00
N ARG D 255 13.28 5.59 -7.53
CA ARG D 255 12.32 6.17 -8.47
C ARG D 255 11.37 7.13 -7.80
N ALA D 256 11.07 6.90 -6.52
CA ALA D 256 10.18 7.77 -5.77
C ALA D 256 10.94 9.08 -5.51
N ILE D 257 12.07 8.98 -4.84
CA ILE D 257 12.90 10.13 -4.55
C ILE D 257 13.09 11.04 -5.78
N THR D 258 13.06 10.49 -6.99
CA THR D 258 13.25 11.28 -8.22
C THR D 258 11.97 11.97 -8.71
N GLU D 259 10.87 11.21 -8.79
CA GLU D 259 9.58 11.72 -9.25
C GLU D 259 8.99 12.80 -8.32
N SER D 260 9.71 13.08 -7.23
CA SER D 260 9.30 14.07 -6.26
C SER D 260 10.22 15.28 -6.35
N GLY D 261 10.93 15.43 -7.48
CA GLY D 261 11.82 16.58 -7.64
C GLY D 261 13.13 16.51 -6.86
N LEU D 262 13.40 15.36 -6.24
CA LEU D 262 14.62 15.18 -5.48
C LEU D 262 15.66 14.40 -6.30
N ARG D 263 16.94 14.74 -6.11
CA ARG D 263 18.01 14.09 -6.82
C ARG D 263 18.51 12.98 -5.91
N VAL D 264 18.39 11.73 -6.32
CA VAL D 264 18.92 10.69 -5.46
C VAL D 264 20.43 10.91 -5.39
N GLY D 265 21.05 10.52 -4.29
CA GLY D 265 22.48 10.75 -4.16
C GLY D 265 22.74 12.13 -3.59
N ALA D 266 22.37 13.16 -4.36
CA ALA D 266 22.54 14.56 -3.98
C ALA D 266 21.57 15.05 -2.91
N ASP D 267 20.34 14.56 -2.95
CA ASP D 267 19.35 14.95 -1.96
C ASP D 267 19.21 13.75 -1.05
N ILE D 268 18.38 12.78 -1.41
CA ILE D 268 18.26 11.61 -0.57
C ILE D 268 19.38 10.68 -1.03
N SER D 269 20.08 10.07 -0.08
CA SER D 269 21.16 9.14 -0.37
C SER D 269 20.69 7.76 -0.03
N VAL D 270 20.71 6.89 -1.02
CA VAL D 270 20.23 5.54 -0.83
C VAL D 270 21.40 4.54 -0.79
N VAL D 271 21.26 3.48 0.00
CA VAL D 271 22.28 2.44 0.11
C VAL D 271 21.53 1.10 0.14
N GLY D 272 21.68 0.30 -0.92
CA GLY D 272 20.97 -0.98 -1.00
C GLY D 272 21.60 -2.15 -0.27
N TYR D 273 21.01 -3.31 -0.38
CA TYR D 273 21.56 -4.47 0.31
C TYR D 273 21.41 -5.72 -0.55
N ASP D 274 22.54 -6.40 -0.78
CA ASP D 274 22.68 -7.63 -1.57
C ASP D 274 23.70 -7.44 -2.64
N ASP D 275 23.49 -6.42 -3.45
CA ASP D 275 24.30 -6.13 -4.63
C ASP D 275 24.17 -7.32 -5.56
N THR D 276 23.10 -7.25 -6.35
CA THR D 276 22.74 -8.25 -7.32
C THR D 276 23.14 -7.71 -8.68
N GLU D 277 23.08 -8.57 -9.66
CA GLU D 277 23.48 -8.24 -11.00
C GLU D 277 23.09 -6.91 -11.63
N ASP D 278 21.84 -6.46 -11.47
CA ASP D 278 21.41 -5.21 -12.10
C ASP D 278 21.80 -3.95 -11.38
N SER D 279 22.17 -4.05 -10.12
CA SER D 279 22.50 -2.88 -9.33
C SER D 279 23.57 -1.93 -9.87
N SER D 280 24.54 -2.42 -10.64
CA SER D 280 25.56 -1.52 -11.16
C SER D 280 25.08 -0.74 -12.35
N CYS D 281 23.86 -1.06 -12.79
CA CYS D 281 23.25 -0.37 -13.91
C CYS D 281 22.02 0.48 -13.55
N TYR D 282 21.61 0.50 -12.28
CA TYR D 282 20.47 1.31 -11.84
C TYR D 282 20.90 2.70 -12.13
N ILE D 283 19.98 3.67 -12.13
CA ILE D 283 20.42 4.99 -12.46
C ILE D 283 21.56 5.49 -11.62
N PRO D 284 21.38 6.31 -10.56
CA PRO D 284 22.73 6.51 -10.04
C PRO D 284 23.10 5.12 -9.45
N PRO D 285 24.10 4.43 -10.04
CA PRO D 285 24.47 3.10 -9.54
C PRO D 285 24.63 3.00 -8.02
N LEU D 286 24.01 1.97 -7.48
CA LEU D 286 23.96 1.71 -6.06
C LEU D 286 25.20 1.49 -5.19
N THR D 287 25.33 2.27 -4.13
CA THR D 287 26.37 2.07 -3.15
C THR D 287 25.59 1.05 -2.35
N THR D 288 26.02 -0.19 -2.43
CA THR D 288 25.32 -1.27 -1.79
C THR D 288 26.23 -2.15 -0.94
N ILE D 289 25.63 -3.13 -0.27
CA ILE D 289 26.35 -4.07 0.55
C ILE D 289 26.35 -5.40 -0.18
N LYS D 290 27.51 -5.74 -0.74
CA LYS D 290 27.68 -6.95 -1.51
C LYS D 290 27.63 -8.27 -0.72
N GLN D 291 26.75 -9.14 -1.16
CA GLN D 291 26.65 -10.46 -0.58
C GLN D 291 27.11 -11.28 -1.78
N ASP D 292 28.29 -11.90 -1.63
CA ASP D 292 28.88 -12.67 -2.69
C ASP D 292 28.16 -13.96 -2.84
N PHE D 293 27.15 -13.97 -3.70
CA PHE D 293 26.30 -15.16 -3.95
C PHE D 293 27.00 -16.40 -4.56
N ARG D 294 28.16 -16.18 -5.17
CA ARG D 294 28.97 -17.24 -5.75
C ARG D 294 29.75 -17.97 -4.63
N LEU D 295 30.34 -17.18 -3.75
CA LEU D 295 31.08 -17.72 -2.63
C LEU D 295 30.11 -18.49 -1.78
N LEU D 296 28.86 -18.04 -1.70
CA LEU D 296 27.89 -18.74 -0.90
C LEU D 296 27.42 -20.02 -1.55
N GLY D 297 27.10 -19.95 -2.83
CA GLY D 297 26.66 -21.15 -3.51
C GLY D 297 27.69 -22.21 -3.23
N GLN D 298 28.95 -21.88 -3.53
CA GLN D 298 30.11 -22.76 -3.34
C GLN D 298 30.33 -23.36 -1.96
N THR D 299 30.65 -22.50 -1.01
CA THR D 299 30.85 -22.90 0.36
C THR D 299 29.70 -23.83 0.76
N SER D 300 28.49 -23.52 0.28
CA SER D 300 27.28 -24.29 0.55
C SER D 300 27.35 -25.73 0.09
N VAL D 301 27.49 -25.92 -1.21
CA VAL D 301 27.55 -27.26 -1.78
C VAL D 301 28.74 -27.99 -1.19
N ASP D 302 29.90 -27.36 -1.19
CA ASP D 302 31.09 -27.99 -0.65
C ASP D 302 30.91 -28.47 0.75
N ARG D 303 30.52 -27.57 1.66
CA ARG D 303 30.32 -28.00 3.02
C ARG D 303 29.27 -29.11 2.99
N LEU D 304 28.30 -28.97 2.10
CA LEU D 304 27.22 -29.94 2.00
C LEU D 304 27.67 -31.37 1.79
N LEU D 305 28.72 -31.58 0.99
CA LEU D 305 29.20 -32.93 0.73
C LEU D 305 30.09 -33.40 1.85
N GLN D 306 30.55 -32.46 2.66
CA GLN D 306 31.41 -32.80 3.76
C GLN D 306 30.69 -33.38 4.95
N LEU D 307 29.59 -32.76 5.37
CA LEU D 307 28.85 -33.29 6.51
C LEU D 307 28.13 -34.55 6.08
N SER D 308 27.78 -34.57 4.80
CA SER D 308 27.15 -35.71 4.20
C SER D 308 28.11 -36.86 4.46
N GLN D 309 29.39 -36.56 4.22
CA GLN D 309 30.52 -37.49 4.42
C GLN D 309 31.08 -37.41 5.87
N GLY D 310 30.20 -37.63 6.85
CA GLY D 310 30.57 -37.64 8.27
C GLY D 310 31.21 -36.47 9.01
N GLN D 311 31.92 -35.61 8.28
CA GLN D 311 32.59 -34.43 8.88
C GLN D 311 31.56 -33.46 9.50
N ALA D 312 31.99 -32.26 9.84
CA ALA D 312 31.02 -31.37 10.45
C ALA D 312 31.24 -29.85 10.56
N VAL D 313 31.49 -29.42 11.80
CA VAL D 313 31.61 -28.02 12.28
C VAL D 313 30.13 -27.62 12.32
N LYS D 314 29.35 -28.66 12.66
CA LYS D 314 27.90 -28.66 12.79
C LYS D 314 27.31 -27.43 13.50
N GLY D 315 26.65 -26.58 12.72
CA GLY D 315 26.08 -25.38 13.31
C GLY D 315 26.63 -24.17 12.61
N ASN D 316 26.20 -23.01 13.08
CA ASN D 316 26.60 -21.74 12.49
C ASN D 316 27.97 -21.58 11.80
N GLN D 317 27.96 -20.78 10.74
CA GLN D 317 29.15 -20.45 9.94
C GLN D 317 28.85 -19.12 9.24
N LEU D 318 29.78 -18.16 9.36
CA LEU D 318 29.59 -16.81 8.82
C LEU D 318 30.55 -16.32 7.74
N LEU D 319 29.96 -15.77 6.68
CA LEU D 319 30.72 -15.22 5.58
C LEU D 319 30.72 -13.72 5.75
N PRO D 320 31.69 -13.05 5.13
CA PRO D 320 31.88 -11.60 5.13
C PRO D 320 31.03 -10.85 4.12
N VAL D 321 30.80 -9.59 4.42
CA VAL D 321 30.00 -8.74 3.61
C VAL D 321 30.95 -7.61 3.22
N SER D 322 30.51 -6.67 2.39
CA SER D 322 31.36 -5.55 2.00
C SER D 322 30.53 -4.34 1.57
N LEU D 323 31.17 -3.20 1.34
CA LEU D 323 30.44 -2.02 0.94
C LEU D 323 30.85 -1.59 -0.45
N VAL D 324 30.05 -1.89 -1.45
CA VAL D 324 30.46 -1.50 -2.77
C VAL D 324 29.99 -0.09 -3.07
N LYS D 325 30.89 0.83 -2.82
CA LYS D 325 30.64 2.23 -3.03
C LYS D 325 30.49 2.56 -4.49
N ARG D 326 29.52 3.40 -4.80
CA ARG D 326 29.27 3.84 -6.16
C ARG D 326 28.71 5.26 -6.11
N LYS D 327 27.63 5.50 -6.84
CA LYS D 327 27.12 6.85 -6.91
C LYS D 327 25.82 7.34 -6.22
N THR D 328 25.23 6.56 -5.30
CA THR D 328 24.04 7.02 -4.61
C THR D 328 24.29 7.61 -3.22
N THR D 329 25.54 7.88 -2.86
CA THR D 329 25.86 8.42 -1.53
C THR D 329 26.79 9.62 -1.55
N LEU D 330 26.31 10.76 -1.05
CA LEU D 330 27.12 11.98 -0.98
C LEU D 330 26.96 12.65 0.38
N ALA D 331 27.68 13.74 0.58
CA ALA D 331 27.61 14.49 1.82
C ALA D 331 26.25 15.17 1.77
N PRO D 332 25.53 15.17 2.90
CA PRO D 332 24.21 15.80 2.90
C PRO D 332 24.19 17.20 2.31
N ASN D 333 23.45 17.35 1.21
CA ASN D 333 23.23 18.63 0.50
C ASN D 333 24.10 19.16 -0.67
N THR D 334 23.40 19.90 -1.56
CA THR D 334 23.93 20.65 -2.72
C THR D 334 23.34 22.04 -2.42
N GLN D 335 22.80 22.13 -1.21
CA GLN D 335 22.17 23.32 -0.66
C GLN D 335 20.78 23.58 -1.24
N THR D 336 20.68 23.74 -2.57
CA THR D 336 19.36 24.06 -3.19
C THR D 336 18.87 23.26 -4.45
N ALA D 337 17.96 22.31 -4.20
CA ALA D 337 17.36 21.52 -5.28
C ALA D 337 16.07 22.27 -5.69
N SER D 338 15.80 23.33 -4.94
CA SER D 338 14.61 24.18 -5.10
C SER D 338 15.03 25.68 -4.88
N PRO D 339 15.63 26.36 -5.92
CA PRO D 339 16.13 27.78 -5.99
C PRO D 339 15.58 28.80 -7.06
N ARG D 340 16.35 29.87 -7.36
CA ARG D 340 15.93 30.88 -8.36
C ARG D 340 15.54 30.39 -9.74
N ALA D 341 16.48 29.68 -10.38
CA ALA D 341 16.29 29.13 -11.73
C ALA D 341 14.87 28.72 -11.92
N LEU D 342 14.34 27.99 -10.94
CA LEU D 342 12.97 27.48 -10.93
C LEU D 342 11.93 28.42 -11.60
N ALA D 343 12.12 29.73 -11.50
CA ALA D 343 11.19 30.65 -12.14
C ALA D 343 11.60 30.93 -13.57
N ASP D 344 12.90 31.07 -13.77
CA ASP D 344 13.47 31.31 -15.09
C ASP D 344 13.19 30.06 -15.95
N SER D 345 13.25 28.92 -15.27
CA SER D 345 13.04 27.61 -15.86
C SER D 345 11.54 27.41 -16.06
N LEU D 346 10.72 27.92 -15.14
CA LEU D 346 9.28 27.79 -15.32
C LEU D 346 8.90 28.66 -16.54
N MET D 347 9.74 29.63 -16.84
CA MET D 347 9.55 30.53 -17.97
C MET D 347 9.76 29.86 -19.31
N GLN D 348 11.00 29.43 -19.57
CA GLN D 348 11.34 28.78 -20.83
C GLN D 348 10.38 27.63 -21.10
N LEU D 349 9.81 27.07 -20.03
CA LEU D 349 8.88 25.96 -20.08
C LEU D 349 7.57 26.51 -20.57
N ALA D 350 7.13 27.54 -19.86
CA ALA D 350 5.91 28.28 -20.15
C ALA D 350 6.03 28.78 -21.55
N ARG D 351 7.28 28.99 -21.99
CA ARG D 351 7.54 29.46 -23.33
C ARG D 351 7.64 28.29 -24.31
N GLN D 352 8.20 27.16 -23.89
CA GLN D 352 8.30 25.98 -24.76
C GLN D 352 6.82 25.60 -24.92
N VAL D 353 6.05 25.97 -23.89
CA VAL D 353 4.59 25.78 -23.83
C VAL D 353 4.13 26.73 -24.91
N SER D 354 4.11 28.01 -24.56
CA SER D 354 3.70 29.11 -25.43
C SER D 354 3.59 28.80 -26.91
N ARG D 355 4.53 28.01 -27.47
CA ARG D 355 4.49 27.70 -28.89
C ARG D 355 3.61 26.58 -29.45
N LEU D 356 3.12 25.67 -28.62
CA LEU D 356 2.23 24.62 -29.11
C LEU D 356 0.79 25.13 -29.22
N GLU D 357 0.69 26.45 -29.27
CA GLU D 357 -0.60 27.16 -29.38
C GLU D 357 -0.36 28.41 -30.27
C1 IPT E . -14.21 13.59 22.67
C2 IPT E . -13.40 14.84 22.18
O2 IPT E . -13.43 15.16 20.77
C3 IPT E . -12.04 14.46 22.45
O3 IPT E . -11.58 15.75 22.27
C4 IPT E . -11.75 13.77 23.85
O4 IPT E . -12.48 14.50 24.78
C5 IPT E . -12.30 12.47 23.99
O5 IPT E . -13.70 12.81 23.88
C6 IPT E . -11.89 11.88 25.35
O6 IPT E . -11.80 12.72 26.43
S1 IPT E . -15.62 13.94 22.50
C1' IPT E . -16.47 14.03 23.69
C2' IPT E . -15.93 14.74 25.04
C3' IPT E . -17.27 12.71 24.15
C1 IPT F . -19.52 -0.46 6.61
C2 IPT F . -19.25 0.23 5.29
O2 IPT F . -18.40 1.34 5.49
C3 IPT F . -20.58 0.78 4.94
O3 IPT F . -20.49 1.04 3.62
C4 IPT F . -21.84 -0.04 5.12
O4 IPT F . -21.51 -1.08 4.38
C5 IPT F . -22.04 -0.63 6.50
O5 IPT F . -20.76 -1.30 6.73
C6 IPT F . -23.25 -1.60 6.61
O6 IPT F . -22.98 -2.86 6.07
S1 IPT F . -18.33 -0.95 7.14
C1' IPT F . -18.43 -2.30 7.75
C2' IPT F . -18.28 -3.68 6.77
C3' IPT F . -19.67 -2.61 8.75
C1 IPT G . 14.15 -14.96 -21.83
C2 IPT G . 14.27 -13.54 -22.44
O2 IPT G . 14.88 -12.61 -21.53
C3 IPT G . 12.86 -13.21 -22.70
O3 IPT G . 12.96 -12.06 -23.42
C4 IPT G . 11.86 -14.37 -23.26
O4 IPT G . 12.35 -15.14 -24.32
C5 IPT G . 11.59 -15.40 -22.26
O5 IPT G . 12.95 -15.85 -22.15
C6 IPT G . 10.68 -16.55 -22.68
O6 IPT G . 11.12 -17.23 -23.77
S1 IPT G . 15.38 -15.58 -22.18
C1' IPT G . 15.64 -17.00 -21.78
C2' IPT G . 17.08 -17.44 -22.23
C3' IPT G . 14.73 -18.36 -22.11
C1 IPT H . 16.64 -12.48 -0.09
C2 IPT H . 16.94 -11.01 0.30
O2 IPT H . 16.46 -10.10 -0.71
C3 IPT H . 18.48 -11.07 0.46
O3 IPT H . 18.75 -9.88 1.13
C4 IPT H . 19.19 -12.43 1.17
O4 IPT H . 18.99 -12.41 2.56
C5 IPT H . 18.74 -13.80 0.81
O5 IPT H . 17.31 -13.60 0.70
C6 IPT H . 18.92 -14.80 2.00
O6 IPT H . 20.13 -14.70 2.63
S1 IPT H . 15.27 -12.58 -0.33
C1' IPT H . 14.58 -13.52 0.59
C2' IPT H . 14.88 -13.51 2.23
C3' IPT H . 14.43 -15.05 0.10
#